data_6PZV
#
_entry.id   6PZV
#
_cell.length_a   70.322
_cell.length_b   196.445
_cell.length_c   67.703
_cell.angle_alpha   90.000
_cell.angle_beta   90.000
_cell.angle_gamma   90.000
#
_symmetry.space_group_name_H-M   'P 21 21 2'
#
loop_
_entity.id
_entity.type
_entity.pdbx_description
1 polymer Ubiquitin
2 polymer 'DNA (cytosine-5)-methyltransferase 1'
3 polymer 'Histone H3.3'
4 non-polymer 'CITRATE ANION'
5 non-polymer 'ZINC ION'
6 water water
#
loop_
_entity_poly.entity_id
_entity_poly.type
_entity_poly.pdbx_seq_one_letter_code
_entity_poly.pdbx_strand_id
1 'polypeptide(L)' SMQIFVKTLTGKTITLEVEPSDTIENVKAKIQDKEGIPPDQQRLIFAGKQLEDGRTLSDYNIQKESTLHLVLRLRGC A,B,E,F
2 'polypeptide(L)'
;SPKCTECLQYLDDPELRYEQHPPDAVEEIQILTNERLSIFDANESGFESYEDLPQHKLTCFSVYCKRGHLCPIDTGLIEK
DVELLFSGSAKPIYEDDPSPEGGINGKNFGPINEWWIAGFDGGEKALLGFSTSFAEYILMDPSPEYAPLFSVMQEKIYIS
KIVVEFLQSNPDSTYEDLINKIETTVPPCMLNLNRFTEDSLLRHAQFVVEQVESYDRAGDSDEQPIFLSPCMRDLIKLAG
VTLGKRR
;
C,G
3 'polypeptide(L)' ARTKQTAR(M3L)STGGKAPRCQLATCAAW D,H
#
# COMPACT_ATOMS: atom_id res chain seq x y z
N SER A 1 -14.46 -6.74 24.87
CA SER A 1 -13.47 -7.81 24.99
C SER A 1 -12.84 -8.13 23.64
N MET A 2 -11.68 -7.53 23.36
CA MET A 2 -10.97 -7.73 22.10
C MET A 2 -9.48 -7.55 22.35
N GLN A 3 -8.67 -8.24 21.56
CA GLN A 3 -7.22 -8.10 21.58
C GLN A 3 -6.77 -7.40 20.31
N ILE A 4 -6.06 -6.28 20.46
CA ILE A 4 -5.49 -5.55 19.32
C ILE A 4 -4.07 -5.13 19.65
N PHE A 5 -3.26 -4.99 18.59
CA PHE A 5 -1.86 -4.60 18.71
C PHE A 5 -1.67 -3.14 18.33
N VAL A 6 -0.63 -2.53 18.88
CA VAL A 6 -0.23 -1.16 18.57
C VAL A 6 1.26 -1.17 18.28
N LYS A 7 1.64 -0.86 17.05
CA LYS A 7 3.03 -0.98 16.60
C LYS A 7 3.66 0.39 16.45
N THR A 8 4.82 0.56 17.08
CA THR A 8 5.58 1.79 16.99
C THR A 8 6.51 1.77 15.77
N LEU A 9 7.15 2.90 15.50
CA LEU A 9 8.02 3.00 14.34
C LEU A 9 9.33 2.25 14.54
N THR A 10 9.65 1.84 15.76
CA THR A 10 10.84 1.03 16.02
C THR A 10 10.55 -0.46 15.93
N GLY A 11 9.30 -0.87 15.78
CA GLY A 11 8.93 -2.26 15.74
C GLY A 11 8.41 -2.83 17.03
N LYS A 12 8.37 -2.03 18.10
CA LYS A 12 7.85 -2.50 19.37
C LYS A 12 6.34 -2.71 19.28
N THR A 13 5.86 -3.82 19.84
CA THR A 13 4.45 -4.19 19.79
C THR A 13 3.85 -4.15 21.18
N ILE A 14 2.71 -3.48 21.32
CA ILE A 14 1.97 -3.40 22.58
C ILE A 14 0.60 -4.02 22.36
N THR A 15 0.23 -4.93 23.26
CA THR A 15 -1.06 -5.62 23.17
C THR A 15 -2.05 -4.96 24.12
N LEU A 16 -3.24 -4.65 23.61
CA LEU A 16 -4.28 -3.97 24.39
C LEU A 16 -5.55 -4.80 24.36
N GLU A 17 -6.28 -4.77 25.48
CA GLU A 17 -7.57 -5.43 25.60
C GLU A 17 -8.65 -4.34 25.55
N VAL A 18 -9.36 -4.26 24.43
CA VAL A 18 -10.32 -3.19 24.19
C VAL A 18 -11.65 -3.79 23.75
N GLU A 19 -12.65 -2.91 23.62
CA GLU A 19 -13.95 -3.27 23.10
C GLU A 19 -14.18 -2.55 21.77
N PRO A 20 -14.93 -3.16 20.84
CA PRO A 20 -15.17 -2.49 19.55
C PRO A 20 -15.87 -1.15 19.68
N SER A 21 -16.51 -0.88 20.82
CA SER A 21 -17.18 0.38 21.07
C SER A 21 -16.24 1.44 21.65
N ASP A 22 -15.07 1.05 22.14
CA ASP A 22 -14.16 2.00 22.74
C ASP A 22 -13.70 3.03 21.73
N THR A 23 -13.43 4.25 22.21
CA THR A 23 -13.01 5.34 21.34
C THR A 23 -11.49 5.37 21.20
N ILE A 24 -11.01 6.24 20.31
CA ILE A 24 -9.57 6.36 20.11
C ILE A 24 -8.90 6.98 21.33
N GLU A 25 -9.59 7.89 22.01
CA GLU A 25 -9.05 8.47 23.23
C GLU A 25 -8.86 7.41 24.32
N ASN A 26 -9.77 6.43 24.37
CA ASN A 26 -9.59 5.32 25.29
C ASN A 26 -8.35 4.50 24.93
N VAL A 27 -8.10 4.32 23.63
CA VAL A 27 -6.91 3.59 23.21
C VAL A 27 -5.65 4.36 23.61
N LYS A 28 -5.64 5.67 23.35
CA LYS A 28 -4.51 6.49 23.76
C LYS A 28 -4.31 6.45 25.27
N ALA A 29 -5.41 6.51 26.02
CA ALA A 29 -5.32 6.43 27.48
C ALA A 29 -4.81 5.06 27.92
N LYS A 30 -5.17 4.01 27.20
CA LYS A 30 -4.65 2.68 27.52
C LYS A 30 -3.15 2.59 27.24
N ILE A 31 -2.70 3.19 26.14
CA ILE A 31 -1.27 3.24 25.83
C ILE A 31 -0.51 3.94 26.94
N GLN A 32 -1.11 5.00 27.51
CA GLN A 32 -0.45 5.75 28.56
C GLN A 32 -0.28 4.91 29.83
N ASP A 33 -1.26 4.06 30.13
CA ASP A 33 -1.18 3.24 31.34
C ASP A 33 -0.18 2.11 31.20
N LYS A 34 0.14 1.69 29.97
CA LYS A 34 1.01 0.55 29.73
C LYS A 34 2.45 0.94 29.40
N GLU A 35 2.64 1.95 28.56
CA GLU A 35 3.96 2.40 28.15
C GLU A 35 4.32 3.77 28.71
N GLY A 36 3.43 4.40 29.46
CA GLY A 36 3.75 5.66 30.12
C GLY A 36 3.83 6.86 29.21
N ILE A 37 3.26 6.77 28.02
CA ILE A 37 3.41 7.80 26.99
C ILE A 37 2.22 8.75 27.06
N PRO A 38 2.44 10.06 27.22
CA PRO A 38 1.33 11.01 27.30
C PRO A 38 0.47 10.98 26.05
N PRO A 39 -0.86 11.02 26.20
CA PRO A 39 -1.74 10.92 25.03
C PRO A 39 -1.62 12.11 24.08
N ASP A 40 -1.22 13.28 24.58
CA ASP A 40 -1.08 14.44 23.71
C ASP A 40 0.01 14.23 22.67
N GLN A 41 1.03 13.44 23.00
CA GLN A 41 2.10 13.11 22.07
C GLN A 41 1.75 11.98 21.13
N GLN A 42 0.56 11.39 21.26
CA GLN A 42 0.21 10.17 20.54
C GLN A 42 -0.61 10.49 19.30
N ARG A 43 -0.31 9.79 18.21
CA ARG A 43 -1.08 9.83 16.98
C ARG A 43 -1.28 8.40 16.50
N LEU A 44 -2.52 8.04 16.23
CA LEU A 44 -2.87 6.67 15.85
C LEU A 44 -3.31 6.63 14.39
N ILE A 45 -2.77 5.65 13.65
CA ILE A 45 -3.02 5.51 12.22
C ILE A 45 -3.51 4.10 11.96
N PHE A 46 -4.62 3.97 11.22
CA PHE A 46 -5.13 2.68 10.80
C PHE A 46 -5.57 2.76 9.35
N ALA A 47 -5.20 1.74 8.58
CA ALA A 47 -5.53 1.66 7.15
C ALA A 47 -5.06 2.90 6.40
N GLY A 48 -3.97 3.50 6.86
CA GLY A 48 -3.36 4.64 6.21
C GLY A 48 -3.95 5.98 6.55
N LYS A 49 -4.82 6.07 7.55
CA LYS A 49 -5.45 7.33 7.93
C LYS A 49 -5.32 7.53 9.43
N GLN A 50 -5.12 8.79 9.83
CA GLN A 50 -5.00 9.12 11.24
C GLN A 50 -6.38 9.13 11.90
N LEU A 51 -6.50 8.40 13.01
CA LEU A 51 -7.78 8.25 13.66
C LEU A 51 -8.10 9.47 14.52
N GLU A 52 -9.35 9.90 14.47
CA GLU A 52 -9.81 11.03 15.27
C GLU A 52 -10.24 10.56 16.64
N ASP A 53 -9.95 11.37 17.66
CA ASP A 53 -10.21 10.98 19.04
C ASP A 53 -11.69 10.75 19.30
N GLY A 54 -12.56 11.40 18.52
CA GLY A 54 -13.99 11.32 18.78
C GLY A 54 -14.71 10.12 18.19
N ARG A 55 -14.04 9.32 17.37
CA ARG A 55 -14.66 8.17 16.72
C ARG A 55 -14.26 6.88 17.42
N THR A 56 -15.00 5.81 17.12
CA THR A 56 -14.82 4.52 17.75
C THR A 56 -14.15 3.54 16.80
N LEU A 57 -13.75 2.39 17.37
CA LEU A 57 -13.11 1.34 16.57
C LEU A 57 -14.07 0.73 15.56
N SER A 58 -15.35 0.63 15.90
CA SER A 58 -16.33 0.09 14.97
C SER A 58 -16.50 1.01 13.77
N ASP A 59 -16.27 2.31 13.94
CA ASP A 59 -16.39 3.25 12.82
C ASP A 59 -15.29 3.02 11.79
N TYR A 60 -14.08 2.71 12.25
CA TYR A 60 -12.95 2.45 11.36
C TYR A 60 -12.80 0.98 11.02
N ASN A 61 -13.75 0.13 11.42
CA ASN A 61 -13.70 -1.31 11.16
C ASN A 61 -12.41 -1.91 11.70
N ILE A 62 -12.01 -1.48 12.89
CA ILE A 62 -10.83 -2.03 13.54
C ILE A 62 -11.22 -3.36 14.17
N GLN A 63 -11.02 -4.44 13.44
CA GLN A 63 -11.39 -5.76 13.88
C GLN A 63 -10.35 -6.32 14.84
N LYS A 64 -10.71 -7.39 15.52
CA LYS A 64 -9.76 -8.07 16.39
C LYS A 64 -8.51 -8.46 15.62
N GLU A 65 -7.36 -8.29 16.25
CA GLU A 65 -6.03 -8.55 15.71
C GLU A 65 -5.60 -7.52 14.66
N SER A 66 -6.35 -6.44 14.50
CA SER A 66 -5.88 -5.33 13.67
C SER A 66 -4.68 -4.66 14.32
N THR A 67 -3.81 -4.10 13.50
CA THR A 67 -2.58 -3.46 13.95
C THR A 67 -2.71 -1.95 13.78
N LEU A 68 -2.62 -1.22 14.89
CA LEU A 68 -2.59 0.23 14.85
C LEU A 68 -1.14 0.71 14.83
N HIS A 69 -0.87 1.75 14.06
CA HIS A 69 0.46 2.33 13.96
C HIS A 69 0.52 3.57 14.83
N LEU A 70 1.46 3.60 15.77
CA LEU A 70 1.59 4.70 16.71
C LEU A 70 2.75 5.60 16.29
N VAL A 71 2.43 6.84 15.93
CA VAL A 71 3.42 7.87 15.61
C VAL A 71 3.37 8.92 16.71
N LEU A 72 4.54 9.36 17.17
CA LEU A 72 4.64 10.21 18.34
C LEU A 72 5.19 11.58 17.97
N ARG A 73 4.56 12.63 18.48
CA ARG A 73 5.09 13.99 18.37
C ARG A 73 6.23 14.14 19.37
N LEU A 74 7.45 13.99 18.90
CA LEU A 74 8.61 13.87 19.79
C LEU A 74 8.95 15.20 20.43
N ARG A 75 9.42 15.14 21.68
CA ARG A 75 9.99 16.29 22.37
C ARG A 75 11.48 16.36 22.08
N GLY A 76 11.92 17.49 21.51
CA GLY A 76 13.33 17.66 21.19
C GLY A 76 13.78 19.08 21.43
N CYS A 77 15.08 19.23 21.61
CA CYS A 77 15.70 20.55 21.77
C CYS A 77 16.47 20.93 20.52
N MET B 2 -16.00 33.23 -7.93
CA MET B 2 -16.04 31.78 -7.85
C MET B 2 -15.39 31.28 -6.56
N GLN B 3 -15.81 30.10 -6.12
CA GLN B 3 -15.31 29.51 -4.88
C GLN B 3 -14.17 28.54 -5.21
N ILE B 4 -13.07 28.65 -4.47
CA ILE B 4 -11.90 27.80 -4.66
C ILE B 4 -11.42 27.31 -3.30
N PHE B 5 -11.05 26.04 -3.24
CA PHE B 5 -10.66 25.37 -2.01
C PHE B 5 -9.14 25.29 -1.90
N VAL B 6 -8.66 25.22 -0.66
CA VAL B 6 -7.23 25.13 -0.36
C VAL B 6 -7.03 24.00 0.64
N LYS B 7 -6.36 22.93 0.22
CA LYS B 7 -6.12 21.76 1.07
C LYS B 7 -4.76 21.89 1.74
N THR B 8 -4.76 21.82 3.06
CA THR B 8 -3.52 21.88 3.84
C THR B 8 -2.94 20.48 4.03
N LEU B 9 -1.69 20.43 4.46
CA LEU B 9 -1.06 19.16 4.80
C LEU B 9 -1.68 18.52 6.03
N THR B 10 -2.31 19.32 6.91
CA THR B 10 -3.02 18.79 8.06
C THR B 10 -4.41 18.27 7.71
N GLY B 11 -4.81 18.38 6.44
CA GLY B 11 -6.13 17.95 6.03
C GLY B 11 -7.22 19.01 6.16
N LYS B 12 -6.86 20.22 6.57
CA LYS B 12 -7.85 21.28 6.70
C LYS B 12 -8.15 21.90 5.34
N THR B 13 -9.43 22.19 5.10
CA THR B 13 -9.88 22.75 3.84
C THR B 13 -10.33 24.20 4.06
N ILE B 14 -9.86 25.10 3.20
CA ILE B 14 -10.14 26.53 3.31
C ILE B 14 -10.93 26.96 2.08
N THR B 15 -12.11 27.54 2.30
CA THR B 15 -12.97 27.99 1.22
C THR B 15 -12.75 29.47 0.98
N LEU B 16 -12.35 29.81 -0.25
CA LEU B 16 -12.07 31.18 -0.65
C LEU B 16 -12.87 31.54 -1.89
N GLU B 17 -13.35 32.78 -1.92
CA GLU B 17 -14.01 33.33 -3.11
C GLU B 17 -13.06 34.32 -3.76
N VAL B 18 -12.83 34.15 -5.06
CA VAL B 18 -11.74 34.82 -5.75
C VAL B 18 -12.11 34.94 -7.21
N GLU B 19 -11.47 35.92 -7.92
CA GLU B 19 -11.62 36.15 -9.34
C GLU B 19 -10.41 35.64 -10.10
N PRO B 20 -10.60 35.17 -11.34
CA PRO B 20 -9.44 34.71 -12.14
C PRO B 20 -8.41 35.79 -12.38
N SER B 21 -8.78 37.07 -12.28
CA SER B 21 -7.82 38.14 -12.49
C SER B 21 -6.88 38.30 -11.30
N ASP B 22 -7.25 37.83 -10.12
CA ASP B 22 -6.39 37.91 -8.96
C ASP B 22 -5.14 37.06 -9.15
N THR B 23 -4.03 37.53 -8.60
CA THR B 23 -2.75 36.86 -8.77
C THR B 23 -2.50 35.86 -7.64
N ILE B 24 -1.46 35.03 -7.84
CA ILE B 24 -1.06 34.08 -6.81
C ILE B 24 -0.57 34.81 -5.57
N GLU B 25 0.12 35.94 -5.76
CA GLU B 25 0.48 36.78 -4.63
C GLU B 25 -0.77 37.30 -3.92
N ASN B 26 -1.82 37.59 -4.68
CA ASN B 26 -3.11 37.94 -4.08
C ASN B 26 -3.84 36.71 -3.55
N VAL B 27 -3.67 35.56 -4.20
CA VAL B 27 -4.23 34.32 -3.67
C VAL B 27 -3.62 34.00 -2.32
N LYS B 28 -2.30 34.16 -2.19
CA LYS B 28 -1.68 34.02 -0.89
C LYS B 28 -2.12 35.12 0.06
N ALA B 29 -2.32 36.33 -0.47
CA ALA B 29 -2.82 37.42 0.36
C ALA B 29 -4.25 37.17 0.82
N LYS B 30 -5.03 36.43 0.02
CA LYS B 30 -6.39 36.06 0.44
C LYS B 30 -6.36 34.96 1.48
N ILE B 31 -5.31 34.13 1.49
CA ILE B 31 -5.22 33.06 2.48
C ILE B 31 -4.85 33.61 3.85
N GLN B 32 -4.04 34.66 3.92
CA GLN B 32 -3.54 35.15 5.20
C GLN B 32 -4.67 35.62 6.11
N ASP B 33 -5.62 36.37 5.55
CA ASP B 33 -6.69 36.97 6.36
C ASP B 33 -7.48 35.90 7.10
N LYS B 34 -7.70 34.74 6.47
CA LYS B 34 -8.56 33.73 7.06
C LYS B 34 -7.85 32.91 8.13
N GLU B 35 -6.57 32.59 7.91
CA GLU B 35 -5.85 31.69 8.80
C GLU B 35 -4.68 32.34 9.53
N GLY B 36 -4.19 33.48 9.06
CA GLY B 36 -3.13 34.18 9.74
C GLY B 36 -1.73 33.69 9.43
N ILE B 37 -1.45 33.37 8.17
CA ILE B 37 -0.16 32.85 7.75
C ILE B 37 0.44 33.81 6.73
N PRO B 38 1.64 34.34 6.96
CA PRO B 38 2.25 35.30 6.02
C PRO B 38 2.51 34.66 4.67
N PRO B 39 2.38 35.42 3.57
CA PRO B 39 2.52 34.83 2.24
C PRO B 39 3.88 34.22 1.97
N ASP B 40 4.94 34.72 2.63
CA ASP B 40 6.26 34.16 2.42
C ASP B 40 6.34 32.71 2.87
N GLN B 41 5.58 32.34 3.90
CA GLN B 41 5.56 30.97 4.38
C GLN B 41 4.73 30.05 3.51
N GLN B 42 3.96 30.59 2.57
CA GLN B 42 3.03 29.80 1.78
C GLN B 42 3.68 29.27 0.51
N ARG B 43 3.37 28.02 0.17
CA ARG B 43 3.78 27.40 -1.09
C ARG B 43 2.56 26.72 -1.69
N LEU B 44 2.11 27.21 -2.84
CA LEU B 44 0.88 26.75 -3.48
C LEU B 44 1.19 25.77 -4.60
N ILE B 45 0.53 24.62 -4.59
CA ILE B 45 0.73 23.57 -5.58
C ILE B 45 -0.62 23.25 -6.22
N PHE B 46 -0.64 23.15 -7.54
CA PHE B 46 -1.82 22.71 -8.26
C PHE B 46 -1.38 21.78 -9.39
N ALA B 47 -1.95 20.58 -9.41
CA ALA B 47 -1.67 19.57 -10.44
C ALA B 47 -0.18 19.22 -10.46
N GLY B 48 0.47 19.26 -9.30
CA GLY B 48 1.88 18.95 -9.22
C GLY B 48 2.80 20.07 -9.68
N LYS B 49 2.29 21.29 -9.78
CA LYS B 49 3.06 22.43 -10.26
C LYS B 49 3.01 23.54 -9.23
N GLN B 50 4.16 24.11 -8.91
CA GLN B 50 4.25 25.15 -7.89
C GLN B 50 3.83 26.48 -8.49
N LEU B 51 2.83 27.11 -7.89
CA LEU B 51 2.27 28.35 -8.40
C LEU B 51 3.19 29.52 -8.06
N GLU B 52 3.75 30.14 -9.08
CA GLU B 52 4.60 31.31 -8.90
C GLU B 52 3.75 32.55 -8.64
N ASP B 53 4.37 33.54 -7.99
CA ASP B 53 3.61 34.65 -7.44
C ASP B 53 3.10 35.60 -8.52
N GLY B 54 3.89 35.83 -9.57
CA GLY B 54 3.55 36.82 -10.57
C GLY B 54 2.41 36.48 -11.50
N ARG B 55 1.85 35.28 -11.38
CA ARG B 55 0.80 34.81 -12.28
C ARG B 55 -0.57 34.92 -11.62
N THR B 56 -1.61 34.76 -12.42
CA THR B 56 -2.99 34.74 -11.95
C THR B 56 -3.52 33.30 -12.01
N LEU B 57 -4.75 33.13 -11.52
CA LEU B 57 -5.39 31.83 -11.62
C LEU B 57 -5.78 31.51 -13.06
N SER B 58 -6.17 32.53 -13.82
CA SER B 58 -6.45 32.34 -15.25
C SER B 58 -5.21 31.92 -16.01
N ASP B 59 -4.02 32.19 -15.48
CA ASP B 59 -2.80 31.82 -16.19
C ASP B 59 -2.58 30.31 -16.18
N TYR B 60 -2.88 29.64 -15.07
CA TYR B 60 -2.69 28.21 -14.94
C TYR B 60 -3.94 27.41 -15.31
N ASN B 61 -4.91 28.03 -15.99
CA ASN B 61 -6.15 27.37 -16.37
C ASN B 61 -6.87 26.79 -15.15
N ILE B 62 -6.86 27.54 -14.06
CA ILE B 62 -7.49 27.12 -12.80
C ILE B 62 -8.97 27.48 -12.90
N GLN B 63 -9.79 26.51 -13.30
CA GLN B 63 -11.22 26.74 -13.43
C GLN B 63 -11.87 26.84 -12.05
N LYS B 64 -13.19 27.02 -12.05
CA LYS B 64 -13.93 27.13 -10.80
C LYS B 64 -13.91 25.80 -10.06
N GLU B 65 -14.09 25.89 -8.74
CA GLU B 65 -14.17 24.72 -7.86
C GLU B 65 -12.91 23.84 -7.97
N SER B 66 -11.76 24.46 -8.20
CA SER B 66 -10.49 23.76 -8.16
C SER B 66 -9.91 23.78 -6.75
N THR B 67 -9.09 22.79 -6.45
CA THR B 67 -8.53 22.63 -5.11
C THR B 67 -7.02 22.82 -5.16
N LEU B 68 -6.54 23.88 -4.53
CA LEU B 68 -5.12 24.12 -4.38
C LEU B 68 -4.60 23.43 -3.12
N HIS B 69 -3.34 23.02 -3.17
CA HIS B 69 -2.69 22.34 -2.06
C HIS B 69 -1.62 23.25 -1.49
N LEU B 70 -1.71 23.54 -0.18
CA LEU B 70 -0.88 24.52 0.47
C LEU B 70 0.19 23.85 1.33
N VAL B 71 1.44 24.20 1.07
CA VAL B 71 2.57 23.77 1.89
C VAL B 71 3.14 25.00 2.59
N LEU B 72 3.48 24.86 3.86
CA LEU B 72 3.93 25.98 4.68
C LEU B 72 5.41 25.83 5.02
N ARG B 73 6.16 26.90 4.81
CA ARG B 73 7.55 26.93 5.25
C ARG B 73 7.61 27.35 6.71
N LEU B 74 8.28 26.53 7.53
CA LEU B 74 8.27 26.77 8.96
C LEU B 74 8.93 28.11 9.29
N ARG B 75 8.58 28.63 10.47
CA ARG B 75 8.88 30.02 10.81
C ARG B 75 10.37 30.34 10.72
N GLY B 76 11.23 29.43 11.17
CA GLY B 76 12.65 29.75 11.25
C GLY B 76 13.59 28.71 10.67
N CYS B 77 14.75 29.19 10.17
CA CYS B 77 15.89 28.49 9.53
C CYS B 77 15.97 28.87 8.04
N SER C 1 45.24 20.01 -6.65
CA SER C 1 44.46 19.45 -5.55
C SER C 1 43.43 20.46 -5.02
N PRO C 2 42.28 20.54 -5.67
CA PRO C 2 41.25 21.51 -5.25
C PRO C 2 40.09 20.87 -4.49
N LYS C 3 39.68 21.52 -3.40
CA LYS C 3 38.61 21.04 -2.53
C LYS C 3 37.26 21.56 -3.02
N CYS C 4 36.16 20.98 -2.50
CA CYS C 4 34.85 21.56 -2.78
C CYS C 4 34.65 22.80 -1.91
N THR C 5 34.11 23.86 -2.51
CA THR C 5 33.81 25.07 -1.76
C THR C 5 32.76 24.84 -0.68
N GLU C 6 31.96 23.78 -0.80
CA GLU C 6 30.87 23.50 0.13
C GLU C 6 31.24 22.44 1.16
N CYS C 7 31.76 21.29 0.75
CA CYS C 7 32.05 20.20 1.67
C CYS C 7 33.55 19.98 1.87
N LEU C 8 34.40 20.87 1.36
CA LEU C 8 35.85 20.82 1.58
C LEU C 8 36.46 19.48 1.15
N GLN C 9 35.87 18.85 0.14
CA GLN C 9 36.29 17.53 -0.32
C GLN C 9 37.07 17.67 -1.62
N TYR C 10 38.15 16.88 -1.74
CA TYR C 10 39.03 17.00 -2.89
C TYR C 10 38.37 16.42 -4.14
N LEU C 11 38.35 17.22 -5.22
CA LEU C 11 37.71 16.78 -6.45
C LEU C 11 38.49 15.67 -7.14
N ASP C 12 39.83 15.77 -7.14
CA ASP C 12 40.65 14.74 -7.78
C ASP C 12 40.57 13.40 -7.05
N ASP C 13 40.18 13.41 -5.79
CA ASP C 13 40.23 12.21 -4.96
C ASP C 13 39.25 11.17 -5.47
N PRO C 14 39.68 9.93 -5.73
CA PRO C 14 38.73 8.84 -6.00
C PRO C 14 37.87 8.54 -4.79
N GLU C 15 36.95 7.58 -4.93
CA GLU C 15 35.98 7.23 -3.90
C GLU C 15 35.00 8.37 -3.65
N LEU C 16 35.24 9.52 -4.27
CA LEU C 16 34.29 10.62 -4.24
C LEU C 16 33.09 10.25 -5.11
N ARG C 17 31.92 10.14 -4.49
CA ARG C 17 30.71 9.72 -5.17
C ARG C 17 29.82 10.93 -5.43
N TYR C 18 29.44 11.13 -6.69
CA TYR C 18 28.43 12.11 -7.04
C TYR C 18 27.06 11.45 -6.97
N GLU C 19 26.10 12.16 -6.38
CA GLU C 19 24.77 11.59 -6.20
C GLU C 19 24.12 11.33 -7.56
N GLN C 20 23.29 10.30 -7.60
CA GLN C 20 22.51 9.95 -8.79
C GLN C 20 21.09 9.65 -8.38
N HIS C 21 20.13 10.11 -9.18
CA HIS C 21 18.73 9.94 -8.86
C HIS C 21 17.93 9.78 -10.14
N PRO C 22 16.79 9.09 -10.09
CA PRO C 22 16.03 8.87 -11.32
C PRO C 22 15.52 10.17 -11.90
N PRO C 23 15.29 10.22 -13.22
CA PRO C 23 14.61 11.40 -13.79
C PRO C 23 13.23 11.62 -13.21
N ASP C 24 12.60 10.56 -12.69
CA ASP C 24 11.27 10.64 -12.10
C ASP C 24 11.22 11.56 -10.88
N ALA C 25 12.36 11.81 -10.23
CA ALA C 25 12.38 12.56 -8.98
C ALA C 25 11.89 13.99 -9.18
N VAL C 26 11.31 14.53 -8.10
CA VAL C 26 10.75 15.89 -8.11
C VAL C 26 11.18 16.60 -6.82
N GLU C 27 11.00 17.92 -6.81
CA GLU C 27 11.42 18.74 -5.70
C GLU C 27 10.56 18.48 -4.45
N GLU C 28 11.05 18.95 -3.31
CA GLU C 28 10.45 18.60 -2.03
C GLU C 28 9.01 19.12 -1.91
N ILE C 29 8.74 20.32 -2.42
CA ILE C 29 7.41 20.90 -2.27
C ILE C 29 6.37 20.08 -3.03
N GLN C 30 6.75 19.53 -4.18
CA GLN C 30 5.81 18.78 -5.00
C GLN C 30 5.46 17.43 -4.39
N ILE C 31 6.37 16.86 -3.59
CA ILE C 31 6.16 15.54 -3.02
C ILE C 31 5.16 15.60 -1.87
N LEU C 32 5.28 16.62 -1.01
CA LEU C 32 4.43 16.72 0.16
C LEU C 32 2.95 16.88 -0.17
N THR C 33 2.61 17.17 -1.44
CA THR C 33 1.23 17.27 -1.88
C THR C 33 0.77 16.02 -2.63
N ASN C 34 1.59 14.98 -2.66
CA ASN C 34 1.21 13.73 -3.30
C ASN C 34 0.22 12.97 -2.42
N GLU C 35 -0.94 12.64 -2.98
CA GLU C 35 -2.02 12.03 -2.20
C GLU C 35 -1.61 10.72 -1.55
N ARG C 36 -0.60 10.03 -2.09
CA ARG C 36 -0.16 8.78 -1.50
C ARG C 36 0.61 8.98 -0.20
N LEU C 37 1.01 10.21 0.13
CA LEU C 37 1.61 10.51 1.42
C LEU C 37 0.64 11.17 2.38
N SER C 38 -0.62 11.35 1.97
CA SER C 38 -1.62 11.94 2.84
C SER C 38 -2.17 10.89 3.79
N ILE C 39 -2.31 11.26 5.06
CA ILE C 39 -2.89 10.38 6.07
C ILE C 39 -4.20 10.94 6.60
N PHE C 40 -4.86 11.80 5.83
CA PHE C 40 -6.12 12.41 6.25
C PHE C 40 -7.22 12.23 5.21
N SER C 49 -2.88 20.49 13.64
CA SER C 49 -2.54 21.89 13.90
C SER C 49 -1.35 22.33 13.05
N TYR C 50 -1.22 23.63 12.84
CA TYR C 50 -0.10 24.14 12.04
C TYR C 50 1.22 23.95 12.75
N GLU C 51 1.24 24.01 14.08
CA GLU C 51 2.45 23.67 14.83
C GLU C 51 2.88 22.24 14.54
N ASP C 52 1.92 21.34 14.36
CA ASP C 52 2.21 19.99 13.88
C ASP C 52 2.78 20.04 12.47
N LEU C 53 3.78 19.20 12.21
CA LEU C 53 4.51 19.21 10.95
C LEU C 53 4.42 17.84 10.28
N PRO C 54 4.52 17.78 8.95
CA PRO C 54 4.45 16.47 8.27
C PRO C 54 5.61 15.58 8.66
N GLN C 55 5.36 14.27 8.66
CA GLN C 55 6.38 13.28 8.99
C GLN C 55 6.19 12.07 8.09
N HIS C 56 7.19 11.79 7.26
CA HIS C 56 7.16 10.67 6.33
C HIS C 56 8.43 9.85 6.47
N LYS C 57 8.42 8.68 5.85
CA LYS C 57 9.58 7.81 5.79
C LYS C 57 10.30 8.03 4.46
N LEU C 58 11.63 7.87 4.48
CA LEU C 58 12.46 8.11 3.31
C LEU C 58 13.50 7.00 3.23
N THR C 59 13.33 6.09 2.27
CA THR C 59 14.26 4.98 2.08
C THR C 59 15.08 5.20 0.81
N CYS C 60 16.13 4.38 0.68
CA CYS C 60 17.07 4.47 -0.44
C CYS C 60 17.64 5.89 -0.56
N PHE C 61 17.98 6.48 0.58
CA PHE C 61 18.32 7.89 0.65
C PHE C 61 19.81 8.12 0.44
N SER C 62 20.15 9.38 0.16
CA SER C 62 21.53 9.80 -0.05
C SER C 62 21.64 11.28 0.29
N VAL C 63 22.71 11.66 0.96
CA VAL C 63 22.95 13.03 1.40
C VAL C 63 24.09 13.62 0.58
N TYR C 64 23.94 14.88 0.16
CA TYR C 64 24.93 15.50 -0.71
C TYR C 64 24.91 17.02 -0.57
N CYS C 65 26.03 17.64 -0.92
CA CYS C 65 26.13 19.10 -0.84
C CYS C 65 25.46 19.73 -2.07
N LYS C 66 25.57 21.05 -2.19
CA LYS C 66 24.96 21.73 -3.33
C LYS C 66 25.64 21.36 -4.64
N ARG C 67 26.91 20.96 -4.58
CA ARG C 67 27.66 20.60 -5.75
C ARG C 67 27.47 19.14 -6.16
N GLY C 68 26.60 18.41 -5.48
CA GLY C 68 26.30 17.04 -5.83
C GLY C 68 27.22 15.99 -5.22
N HIS C 69 28.09 16.38 -4.30
CA HIS C 69 29.01 15.44 -3.68
C HIS C 69 28.33 14.75 -2.50
N LEU C 70 28.35 13.42 -2.48
CA LEU C 70 27.84 12.68 -1.33
C LEU C 70 28.65 13.04 -0.08
N CYS C 71 27.95 13.45 0.97
CA CYS C 71 28.60 13.96 2.16
C CYS C 71 28.20 13.15 3.40
N PRO C 72 29.12 12.98 4.35
CA PRO C 72 28.73 12.46 5.66
C PRO C 72 28.13 13.56 6.52
N ILE C 73 27.24 13.16 7.42
CA ILE C 73 26.63 14.09 8.35
C ILE C 73 27.26 14.03 9.75
N ASP C 74 28.25 13.15 9.94
CA ASP C 74 29.03 13.18 11.18
C ASP C 74 30.07 14.29 11.16
N THR C 75 30.65 14.55 9.98
CA THR C 75 31.83 15.39 9.82
C THR C 75 31.65 16.79 10.42
N GLY C 76 30.41 17.17 10.71
CA GLY C 76 30.13 18.50 11.19
C GLY C 76 29.82 19.51 10.12
N LEU C 77 29.49 19.05 8.91
CA LEU C 77 29.10 19.95 7.83
C LEU C 77 27.78 20.65 8.13
N ILE C 78 26.97 20.10 9.02
CA ILE C 78 25.73 20.77 9.43
C ILE C 78 26.00 21.78 10.53
N GLU C 79 26.90 21.44 11.46
CA GLU C 79 27.32 22.41 12.47
C GLU C 79 28.10 23.55 11.85
N LYS C 80 28.85 23.30 10.78
CA LYS C 80 29.57 24.34 10.06
C LYS C 80 28.63 25.23 9.26
N ASP C 81 27.33 24.93 9.25
CA ASP C 81 26.29 25.67 8.53
C ASP C 81 26.38 25.50 7.02
N VAL C 82 27.02 24.43 6.54
CA VAL C 82 26.94 24.08 5.13
C VAL C 82 25.57 23.49 4.84
N GLU C 83 24.92 23.98 3.80
CA GLU C 83 23.58 23.51 3.45
C GLU C 83 23.68 22.14 2.80
N LEU C 84 23.26 21.11 3.54
CA LEU C 84 23.29 19.74 3.05
C LEU C 84 21.91 19.34 2.57
N LEU C 85 21.83 18.91 1.31
CA LEU C 85 20.60 18.41 0.73
C LEU C 85 20.59 16.88 0.73
N PHE C 86 19.43 16.29 0.50
CA PHE C 86 19.31 14.85 0.46
C PHE C 86 18.19 14.44 -0.48
N SER C 87 18.18 13.15 -0.85
CA SER C 87 17.25 12.64 -1.84
C SER C 87 16.87 11.22 -1.47
N GLY C 88 15.80 10.73 -2.09
CA GLY C 88 15.34 9.38 -1.85
C GLY C 88 13.89 9.22 -2.28
N SER C 89 13.33 8.07 -1.93
CA SER C 89 11.94 7.76 -2.23
C SER C 89 11.12 7.88 -0.94
N ALA C 90 10.27 8.91 -0.88
CA ALA C 90 9.47 9.15 0.30
C ALA C 90 8.33 8.13 0.41
N LYS C 91 7.97 7.81 1.64
CA LYS C 91 6.95 6.82 1.92
C LYS C 91 6.09 7.29 3.09
N PRO C 92 4.85 6.81 3.20
CA PRO C 92 4.04 7.13 4.38
C PRO C 92 4.70 6.63 5.65
N ILE C 93 4.45 7.36 6.74
CA ILE C 93 5.18 7.17 8.00
C ILE C 93 4.98 5.77 8.58
N TYR C 94 3.91 5.08 8.21
CA TYR C 94 3.56 3.80 8.81
C TYR C 94 4.11 2.60 8.05
N GLU C 95 4.75 2.81 6.90
CA GLU C 95 5.27 1.70 6.11
C GLU C 95 6.55 1.15 6.71
N ASP C 96 6.72 -0.17 6.61
CA ASP C 96 7.91 -0.85 7.09
C ASP C 96 8.81 -1.38 5.99
N ASP C 97 8.31 -1.50 4.77
CA ASP C 97 9.10 -2.02 3.66
C ASP C 97 10.17 -1.02 3.26
N PRO C 98 11.46 -1.35 3.40
CA PRO C 98 12.52 -0.43 3.00
C PRO C 98 12.87 -0.48 1.52
N SER C 99 12.03 -1.10 0.69
CA SER C 99 12.27 -1.20 -0.74
C SER C 99 11.76 0.04 -1.45
N PRO C 100 12.51 0.54 -2.44
CA PRO C 100 12.10 1.80 -3.11
C PRO C 100 10.74 1.73 -3.78
N GLU C 101 10.32 0.56 -4.24
CA GLU C 101 9.03 0.42 -4.89
C GLU C 101 7.91 0.68 -3.89
N GLY C 102 6.86 1.36 -4.35
CA GLY C 102 5.83 1.86 -3.47
C GLY C 102 6.15 3.19 -2.84
N GLY C 103 7.30 3.77 -3.13
CA GLY C 103 7.69 5.07 -2.61
C GLY C 103 7.94 6.04 -3.75
N ILE C 104 7.75 7.32 -3.46
CA ILE C 104 7.78 8.37 -4.46
C ILE C 104 9.14 9.04 -4.45
N ASN C 105 9.85 8.96 -5.57
CA ASN C 105 11.21 9.49 -5.66
C ASN C 105 11.22 11.01 -5.46
N GLY C 106 12.26 11.50 -4.82
CA GLY C 106 12.40 12.92 -4.58
C GLY C 106 13.84 13.37 -4.66
N LYS C 107 14.04 14.60 -5.12
CA LYS C 107 15.37 15.18 -5.31
C LYS C 107 15.48 16.48 -4.53
N ASN C 108 16.68 16.71 -3.98
CA ASN C 108 17.04 17.98 -3.36
C ASN C 108 16.10 18.36 -2.21
N PHE C 109 15.89 17.41 -1.30
CA PHE C 109 15.23 17.75 -0.05
C PHE C 109 16.11 18.70 0.77
N GLY C 110 15.49 19.43 1.68
CA GLY C 110 16.22 20.21 2.64
C GLY C 110 16.29 21.69 2.33
N PRO C 111 17.39 22.34 2.76
CA PRO C 111 18.55 21.74 3.41
C PRO C 111 18.29 21.25 4.85
N ILE C 112 19.18 20.39 5.34
CA ILE C 112 19.02 19.77 6.64
C ILE C 112 19.21 20.84 7.72
N ASN C 113 18.13 21.18 8.43
CA ASN C 113 18.27 22.05 9.59
C ASN C 113 18.78 21.29 10.80
N GLU C 114 18.46 20.01 10.91
CA GLU C 114 18.75 19.26 12.13
C GLU C 114 18.51 17.77 11.89
N TRP C 115 19.38 16.93 12.44
CA TRP C 115 19.22 15.49 12.39
C TRP C 115 19.25 14.94 13.81
N TRP C 116 18.34 14.00 14.09
CA TRP C 116 18.10 13.54 15.45
C TRP C 116 17.88 12.03 15.46
N ILE C 117 18.15 11.42 16.62
CA ILE C 117 17.95 10.00 16.84
C ILE C 117 16.72 9.81 17.70
N ALA C 118 15.77 9.03 17.21
CA ALA C 118 14.51 8.78 17.90
C ALA C 118 14.40 7.30 18.26
N GLY C 119 13.24 6.93 18.82
CA GLY C 119 12.94 5.55 19.10
C GLY C 119 13.75 4.93 20.22
N PHE C 120 13.35 5.20 21.46
CA PHE C 120 13.92 4.53 22.62
C PHE C 120 12.83 3.68 23.28
N ASP C 121 12.18 2.86 22.48
CA ASP C 121 11.06 2.03 22.93
C ASP C 121 11.53 0.76 23.61
N GLY C 122 12.75 0.31 23.34
CA GLY C 122 13.11 -1.07 23.51
C GLY C 122 12.85 -1.90 22.27
N GLY C 123 12.29 -1.30 21.23
CA GLY C 123 12.03 -1.99 19.98
C GLY C 123 13.31 -2.28 19.22
N GLU C 124 13.14 -2.97 18.10
CA GLU C 124 14.26 -3.51 17.35
C GLU C 124 15.05 -2.44 16.63
N LYS C 125 14.37 -1.44 16.07
CA LYS C 125 15.01 -0.45 15.21
C LYS C 125 15.36 0.82 15.98
N ALA C 126 16.45 1.46 15.56
CA ALA C 126 16.77 2.83 15.96
C ALA C 126 16.37 3.76 14.82
N LEU C 127 15.81 4.91 15.18
CA LEU C 127 15.23 5.83 14.21
C LEU C 127 16.15 7.02 14.00
N LEU C 128 16.43 7.33 12.74
CA LEU C 128 17.16 8.53 12.34
C LEU C 128 16.18 9.48 11.66
N GLY C 129 16.25 10.75 12.03
CA GLY C 129 15.28 11.73 11.54
C GLY C 129 15.96 12.98 11.01
N PHE C 130 15.48 13.44 9.87
CA PHE C 130 15.91 14.70 9.28
C PHE C 130 14.81 15.74 9.43
N SER C 131 15.20 16.94 9.81
CA SER C 131 14.27 18.07 9.94
C SER C 131 14.59 19.09 8.86
N THR C 132 13.63 19.35 7.98
CA THR C 132 13.73 20.40 6.99
C THR C 132 12.77 21.54 7.35
N SER C 133 12.94 22.67 6.66
CA SER C 133 12.04 23.80 6.88
C SER C 133 10.64 23.57 6.35
N PHE C 134 10.38 22.41 5.74
CA PHE C 134 9.07 22.07 5.22
C PHE C 134 8.46 20.81 5.83
N ALA C 135 9.27 19.84 6.24
CA ALA C 135 8.73 18.59 6.77
C ALA C 135 9.82 17.84 7.53
N GLU C 136 9.40 16.79 8.24
CA GLU C 136 10.30 15.89 8.94
C GLU C 136 10.36 14.55 8.21
N TYR C 137 11.50 13.88 8.28
CA TYR C 137 11.71 12.64 7.54
C TYR C 137 12.39 11.62 8.43
N ILE C 138 11.77 10.45 8.56
CA ILE C 138 12.33 9.31 9.28
C ILE C 138 13.02 8.41 8.26
N LEU C 139 14.35 8.30 8.36
CA LEU C 139 15.11 7.55 7.36
C LEU C 139 15.01 6.04 7.59
N MET C 140 15.14 5.29 6.50
CA MET C 140 15.10 3.83 6.55
C MET C 140 16.43 3.25 6.07
N ASP C 141 16.50 2.89 4.80
CA ASP C 141 17.70 2.30 4.23
C ASP C 141 18.44 3.29 3.35
N PRO C 142 19.77 3.37 3.47
CA PRO C 142 20.53 4.22 2.54
C PRO C 142 20.60 3.58 1.16
N SER C 143 20.72 4.43 0.15
CA SER C 143 20.82 3.95 -1.22
C SER C 143 22.06 3.07 -1.37
N PRO C 144 22.06 2.14 -2.32
CA PRO C 144 23.23 1.25 -2.48
C PRO C 144 24.50 2.00 -2.88
N GLU C 145 24.40 3.25 -3.30
CA GLU C 145 25.55 4.09 -3.62
C GLU C 145 26.03 4.93 -2.44
N TYR C 146 25.22 5.02 -1.38
CA TYR C 146 25.54 5.82 -0.20
C TYR C 146 25.81 4.97 1.03
N ALA C 147 25.71 3.65 0.90
CA ALA C 147 25.92 2.76 2.04
C ALA C 147 27.30 2.88 2.69
N PRO C 148 28.41 3.00 1.95
CA PRO C 148 29.71 3.07 2.64
C PRO C 148 29.86 4.29 3.54
N LEU C 149 29.33 5.44 3.14
CA LEU C 149 29.45 6.63 3.98
C LEU C 149 28.57 6.52 5.22
N PHE C 150 27.40 5.91 5.08
CA PHE C 150 26.46 5.77 6.19
C PHE C 150 26.83 4.61 7.11
N SER C 151 27.82 3.78 6.74
CA SER C 151 28.17 2.61 7.53
C SER C 151 28.63 3.01 8.93
N VAL C 152 29.62 3.90 9.00
CA VAL C 152 30.14 4.33 10.30
C VAL C 152 29.06 5.04 11.11
N MET C 153 28.17 5.76 10.44
CA MET C 153 27.12 6.50 11.13
C MET C 153 26.15 5.56 11.84
N GLN C 154 25.87 4.40 11.24
CA GLN C 154 24.83 3.52 11.75
C GLN C 154 25.20 2.93 13.11
N GLU C 155 26.49 2.67 13.36
CA GLU C 155 26.90 2.19 14.67
C GLU C 155 26.61 3.22 15.76
N LYS C 156 26.98 4.48 15.50
CA LYS C 156 26.74 5.53 16.50
C LYS C 156 25.26 5.60 16.86
N ILE C 157 24.38 5.47 15.87
CA ILE C 157 22.95 5.56 16.12
C ILE C 157 22.52 4.44 17.08
N TYR C 158 22.87 3.20 16.76
CA TYR C 158 22.38 2.07 17.55
C TYR C 158 23.07 2.01 18.91
N ILE C 159 24.37 2.31 18.96
CA ILE C 159 25.08 2.32 20.24
C ILE C 159 24.43 3.32 21.19
N SER C 160 24.07 4.51 20.67
CA SER C 160 23.40 5.50 21.50
C SER C 160 22.07 4.98 22.02
N LYS C 161 21.33 4.26 21.17
CA LYS C 161 20.07 3.68 21.60
C LYS C 161 20.28 2.66 22.70
N ILE C 162 21.29 1.79 22.54
CA ILE C 162 21.59 0.78 23.56
C ILE C 162 21.86 1.44 24.90
N VAL C 163 22.69 2.50 24.90
CA VAL C 163 23.05 3.16 26.15
C VAL C 163 21.84 3.82 26.78
N VAL C 164 21.11 4.63 26.00
CA VAL C 164 19.96 5.36 26.54
C VAL C 164 18.91 4.40 27.07
N GLU C 165 18.63 3.33 26.32
CA GLU C 165 17.63 2.36 26.76
C GLU C 165 18.08 1.63 28.01
N PHE C 166 19.38 1.31 28.10
CA PHE C 166 19.89 0.59 29.27
C PHE C 166 19.96 1.50 30.50
N LEU C 167 20.29 2.78 30.30
CA LEU C 167 20.29 3.72 31.41
C LEU C 167 18.88 3.95 31.94
N GLN C 168 17.91 4.16 31.04
CA GLN C 168 16.52 4.36 31.47
C GLN C 168 16.01 3.15 32.23
N SER C 169 16.36 1.95 31.78
CA SER C 169 15.91 0.74 32.46
C SER C 169 16.74 0.43 33.70
N ASN C 170 18.02 0.78 33.70
CA ASN C 170 18.93 0.46 34.80
C ASN C 170 19.74 1.70 35.13
N PRO C 171 19.17 2.64 35.89
CA PRO C 171 19.87 3.90 36.17
C PRO C 171 21.05 3.74 37.11
N ASP C 172 21.06 2.69 37.94
CA ASP C 172 22.15 2.45 38.87
C ASP C 172 23.12 1.38 38.36
N SER C 173 23.03 1.04 37.08
CA SER C 173 23.93 0.05 36.50
C SER C 173 25.36 0.59 36.43
N THR C 174 26.31 -0.34 36.39
CA THR C 174 27.72 0.02 36.37
C THR C 174 28.23 0.15 34.94
N TYR C 175 29.47 0.65 34.82
CA TYR C 175 30.11 0.73 33.51
C TYR C 175 30.48 -0.65 32.99
N GLU C 176 30.83 -1.58 33.88
CA GLU C 176 31.13 -2.94 33.44
C GLU C 176 29.87 -3.65 32.98
N ASP C 177 28.73 -3.38 33.63
CA ASP C 177 27.46 -3.92 33.16
C ASP C 177 27.06 -3.32 31.82
N LEU C 178 27.46 -2.06 31.56
CA LEU C 178 27.12 -1.44 30.29
C LEU C 178 27.89 -2.08 29.14
N ILE C 179 29.16 -2.38 29.34
CA ILE C 179 29.94 -3.07 28.31
C ILE C 179 29.33 -4.44 28.02
N ASN C 180 28.93 -5.16 29.08
CA ASN C 180 28.29 -6.46 28.88
C ASN C 180 27.04 -6.33 28.03
N LYS C 181 26.13 -5.43 28.42
CA LYS C 181 24.88 -5.26 27.68
C LYS C 181 25.14 -4.94 26.22
N ILE C 182 26.08 -4.03 25.95
CA ILE C 182 26.43 -3.70 24.56
C ILE C 182 26.97 -4.94 23.85
N GLU C 183 27.91 -5.64 24.48
CA GLU C 183 28.50 -6.82 23.85
C GLU C 183 27.50 -7.96 23.72
N THR C 184 26.60 -8.12 24.70
CA THR C 184 25.60 -9.17 24.60
C THR C 184 24.56 -8.88 23.52
N THR C 185 24.24 -7.61 23.30
CA THR C 185 23.19 -7.24 22.35
C THR C 185 23.62 -7.58 20.93
N VAL C 186 22.83 -8.39 20.24
CA VAL C 186 23.17 -8.82 18.89
C VAL C 186 22.94 -7.66 17.92
N PRO C 187 23.92 -7.27 17.11
CA PRO C 187 23.74 -6.14 16.19
C PRO C 187 22.82 -6.52 15.05
N PRO C 188 21.93 -5.61 14.62
CA PRO C 188 21.07 -5.90 13.47
C PRO C 188 21.88 -6.14 12.21
N CYS C 189 21.25 -6.81 11.25
CA CYS C 189 21.93 -7.16 10.00
C CYS C 189 22.26 -5.93 9.16
N MET C 190 21.57 -4.81 9.39
CA MET C 190 21.87 -3.60 8.62
C MET C 190 23.25 -3.06 8.96
N LEU C 191 23.77 -3.37 10.15
CA LEU C 191 25.11 -2.93 10.55
C LEU C 191 26.20 -3.77 9.92
N ASN C 192 25.89 -4.97 9.44
CA ASN C 192 26.87 -5.88 8.85
C ASN C 192 28.01 -6.16 9.83
N LEU C 193 27.67 -6.30 11.11
CA LEU C 193 28.64 -6.62 12.14
C LEU C 193 28.28 -7.92 12.82
N ASN C 194 29.31 -8.65 13.24
CA ASN C 194 29.09 -9.90 13.97
C ASN C 194 28.79 -9.65 15.44
N ARG C 195 29.39 -8.63 16.04
CA ARG C 195 29.24 -8.39 17.47
C ARG C 195 29.68 -6.97 17.79
N PHE C 196 29.24 -6.49 18.95
CA PHE C 196 29.70 -5.23 19.49
C PHE C 196 30.85 -5.46 20.45
N THR C 197 31.82 -4.55 20.42
CA THR C 197 32.98 -4.62 21.30
C THR C 197 33.02 -3.40 22.19
N GLU C 198 33.87 -3.45 23.21
CA GLU C 198 34.15 -2.24 23.98
C GLU C 198 34.71 -1.14 23.10
N ASP C 199 35.49 -1.53 22.07
CA ASP C 199 35.98 -0.56 21.10
C ASP C 199 34.83 0.18 20.42
N SER C 200 33.72 -0.54 20.15
CA SER C 200 32.57 0.08 19.49
C SER C 200 32.03 1.26 20.30
N LEU C 201 32.18 1.21 21.62
CA LEU C 201 31.75 2.32 22.48
C LEU C 201 32.84 3.36 22.65
N LEU C 202 34.09 2.92 22.83
CA LEU C 202 35.20 3.85 23.03
C LEU C 202 35.46 4.70 21.80
N ARG C 203 35.15 4.19 20.60
CA ARG C 203 35.36 4.95 19.38
C ARG C 203 34.47 6.19 19.32
N HIS C 204 33.29 6.13 19.94
CA HIS C 204 32.32 7.21 19.88
C HIS C 204 31.88 7.63 21.27
N ALA C 205 32.82 7.62 22.22
CA ALA C 205 32.48 7.97 23.60
C ALA C 205 32.00 9.42 23.69
N GLN C 206 32.65 10.33 22.98
CA GLN C 206 32.20 11.72 22.98
C GLN C 206 30.79 11.84 22.42
N PHE C 207 30.46 11.02 21.42
CA PHE C 207 29.15 11.12 20.78
C PHE C 207 28.04 10.56 21.68
N VAL C 208 28.28 9.40 22.30
CA VAL C 208 27.26 8.79 23.15
C VAL C 208 26.88 9.70 24.29
N VAL C 209 27.86 10.31 24.94
CA VAL C 209 27.57 11.21 26.07
C VAL C 209 26.75 12.41 25.60
N GLU C 210 27.11 12.98 24.44
CA GLU C 210 26.35 14.09 23.90
C GLU C 210 24.95 13.70 23.49
N GLN C 211 24.70 12.41 23.22
CA GLN C 211 23.35 11.97 22.93
C GLN C 211 22.52 11.80 24.19
N VAL C 212 23.11 11.22 25.25
CA VAL C 212 22.39 11.05 26.50
C VAL C 212 22.09 12.40 27.14
N GLU C 213 23.02 13.34 27.04
CA GLU C 213 22.78 14.68 27.55
C GLU C 213 21.59 15.33 26.86
N SER C 214 21.50 15.18 25.54
CA SER C 214 20.37 15.74 24.80
C SER C 214 19.08 15.02 25.14
N TYR C 215 19.15 13.72 25.46
CA TYR C 215 17.95 12.97 25.81
C TYR C 215 17.40 13.43 27.16
N ASP C 216 18.29 13.76 28.11
CA ASP C 216 17.83 14.22 29.41
C ASP C 216 17.26 15.64 29.36
N ARG C 217 17.79 16.48 28.46
CA ARG C 217 17.31 17.86 28.38
C ARG C 217 15.94 17.93 27.73
N ALA C 218 15.60 16.97 26.87
CA ALA C 218 14.32 17.00 26.16
C ALA C 218 13.13 16.82 27.10
N GLY C 219 13.35 16.34 28.31
CA GLY C 219 12.28 16.15 29.27
C GLY C 219 12.72 16.34 30.71
N PHE C 227 22.22 12.83 34.39
CA PHE C 227 23.49 12.28 33.96
C PHE C 227 24.46 12.14 35.14
N LEU C 228 23.92 11.86 36.31
CA LEU C 228 24.73 11.62 37.50
C LEU C 228 24.99 10.14 37.72
N SER C 229 24.55 9.29 36.81
CA SER C 229 24.69 7.85 36.97
C SER C 229 26.18 7.49 37.09
N PRO C 230 26.53 6.54 37.96
CA PRO C 230 27.96 6.21 38.11
C PRO C 230 28.59 5.69 36.83
N CYS C 231 27.88 4.82 36.11
CA CYS C 231 28.39 4.33 34.83
C CYS C 231 28.63 5.47 33.86
N MET C 232 27.66 6.39 33.75
CA MET C 232 27.85 7.61 32.96
C MET C 232 29.14 8.31 33.35
N ARG C 233 29.34 8.52 34.65
CA ARG C 233 30.56 9.16 35.14
C ARG C 233 31.78 8.33 34.76
N ASP C 234 31.94 7.16 35.38
CA ASP C 234 33.02 6.23 35.06
C ASP C 234 33.32 6.21 33.56
N LEU C 235 32.26 6.10 32.74
CA LEU C 235 32.43 6.20 31.30
C LEU C 235 33.12 7.52 30.94
N ILE C 236 32.56 8.65 31.37
CA ILE C 236 33.06 9.94 30.89
C ILE C 236 34.52 10.14 31.30
N LYS C 237 34.89 9.72 32.51
CA LYS C 237 36.27 9.86 32.96
C LYS C 237 37.20 8.97 32.14
N LEU C 238 36.79 7.72 31.92
CA LEU C 238 37.58 6.85 31.05
C LEU C 238 37.27 7.08 29.57
N ALA C 239 36.24 7.85 29.23
CA ALA C 239 35.97 8.18 27.84
C ALA C 239 37.03 9.10 27.26
N GLY C 240 37.73 9.85 28.09
CA GLY C 240 38.58 10.92 27.60
C GLY C 240 37.84 12.17 27.21
N VAL C 241 36.55 12.25 27.50
CA VAL C 241 35.72 13.40 27.18
C VAL C 241 34.97 13.82 28.43
N ARG D 2 1.57 5.89 39.44
CA ARG D 2 2.16 5.36 38.21
C ARG D 2 2.95 6.43 37.47
N THR D 3 4.23 6.15 37.24
CA THR D 3 5.11 7.11 36.56
C THR D 3 4.75 7.22 35.08
N LYS D 4 4.98 8.40 34.53
CA LYS D 4 4.68 8.70 33.13
C LYS D 4 5.95 9.17 32.44
N GLN D 5 6.26 8.58 31.28
CA GLN D 5 7.51 8.81 30.59
C GLN D 5 7.24 9.38 29.20
N THR D 6 7.83 10.54 28.92
CA THR D 6 7.58 11.23 27.66
C THR D 6 8.37 10.60 26.52
N ALA D 7 7.87 10.80 25.30
CA ALA D 7 8.60 10.42 24.10
C ALA D 7 9.62 11.50 23.78
N ARG D 8 10.85 11.08 23.49
CA ARG D 8 11.94 12.04 23.28
C ARG D 8 12.90 11.65 22.16
N SER D 10 17.08 12.69 20.65
CA SER D 10 18.36 13.33 20.95
C SER D 10 18.90 14.10 19.75
N THR D 11 19.39 15.30 20.01
CA THR D 11 19.86 16.20 18.95
C THR D 11 21.25 15.78 18.52
N GLY D 12 21.38 15.27 17.30
CA GLY D 12 22.67 14.88 16.77
C GLY D 12 23.43 16.03 16.15
N GLY D 13 22.74 16.84 15.37
CA GLY D 13 23.35 18.00 14.73
C GLY D 13 22.31 19.06 14.46
N LYS D 14 22.74 20.32 14.50
CA LYS D 14 21.82 21.43 14.34
C LYS D 14 22.53 22.59 13.67
N ALA D 15 21.91 23.14 12.62
CA ALA D 15 22.52 24.24 11.89
C ALA D 15 22.49 25.51 12.74
N PRO D 16 23.57 26.30 12.72
CA PRO D 16 23.61 27.51 13.55
C PRO D 16 22.50 28.51 13.25
N ARG D 17 22.04 28.57 12.00
CA ARG D 17 20.96 29.50 11.63
C ARG D 17 19.66 29.22 12.36
N CYS D 18 19.54 28.07 13.01
CA CYS D 18 18.32 27.66 13.69
C CYS D 18 18.44 28.03 15.17
N GLN D 19 17.64 29.00 15.61
CA GLN D 19 17.69 29.47 16.98
C GLN D 19 16.33 30.02 17.41
N SER E 1 -1.36 21.16 -20.63
CA SER E 1 -2.06 19.94 -20.25
C SER E 1 -1.09 18.91 -19.67
N MET E 2 -1.31 18.54 -18.42
CA MET E 2 -0.43 17.60 -17.75
C MET E 2 -0.64 16.18 -18.28
N GLN E 3 0.34 15.32 -18.01
CA GLN E 3 0.36 13.96 -18.53
C GLN E 3 0.20 12.98 -17.37
N ILE E 4 -0.78 12.08 -17.48
CA ILE E 4 -1.03 11.06 -16.47
C ILE E 4 -0.96 9.68 -17.13
N PHE E 5 -0.87 8.66 -16.29
CA PHE E 5 -0.74 7.28 -16.75
C PHE E 5 -1.89 6.44 -16.22
N VAL E 6 -2.28 5.44 -17.01
CA VAL E 6 -3.32 4.49 -16.64
C VAL E 6 -2.74 3.08 -16.74
N LYS E 7 -2.75 2.36 -15.63
CA LYS E 7 -2.08 1.06 -15.53
C LYS E 7 -3.12 -0.05 -15.38
N THR E 8 -3.12 -0.99 -16.31
CA THR E 8 -3.99 -2.15 -16.22
C THR E 8 -3.36 -3.21 -15.31
N LEU E 9 -4.15 -4.24 -15.01
CA LEU E 9 -3.65 -5.32 -14.15
C LEU E 9 -2.64 -6.22 -14.86
N THR E 10 -2.48 -6.08 -16.17
CA THR E 10 -1.48 -6.84 -16.91
C THR E 10 -0.11 -6.19 -16.87
N GLY E 11 -0.02 -4.95 -16.37
CA GLY E 11 1.20 -4.18 -16.47
C GLY E 11 1.25 -3.24 -17.65
N LYS E 12 0.18 -3.17 -18.43
CA LYS E 12 0.14 -2.25 -19.57
C LYS E 12 -0.06 -0.82 -19.09
N THR E 13 0.68 0.11 -19.71
CA THR E 13 0.64 1.52 -19.35
C THR E 13 0.07 2.32 -20.50
N ILE E 14 -0.91 3.16 -20.21
CA ILE E 14 -1.55 4.03 -21.19
C ILE E 14 -1.29 5.48 -20.79
N THR E 15 -0.83 6.29 -21.75
CA THR E 15 -0.50 7.69 -21.50
C THR E 15 -1.63 8.57 -22.02
N LEU E 16 -2.13 9.46 -21.17
CA LEU E 16 -3.26 10.31 -21.50
C LEU E 16 -2.94 11.77 -21.23
N GLU E 17 -3.54 12.65 -22.04
CA GLU E 17 -3.40 14.09 -21.93
C GLU E 17 -4.68 14.63 -21.31
N VAL E 18 -4.58 15.15 -20.09
CA VAL E 18 -5.76 15.59 -19.34
C VAL E 18 -5.52 16.96 -18.74
N GLU E 19 -6.62 17.61 -18.37
CA GLU E 19 -6.64 18.84 -17.60
C GLU E 19 -7.17 18.58 -16.19
N PRO E 20 -6.68 19.31 -15.19
CA PRO E 20 -7.16 19.09 -13.82
C PRO E 20 -8.66 19.29 -13.66
N SER E 21 -9.29 20.05 -14.55
CA SER E 21 -10.73 20.29 -14.49
C SER E 21 -11.55 19.15 -15.05
N ASP E 22 -10.93 18.21 -15.76
CA ASP E 22 -11.67 17.08 -16.32
C ASP E 22 -12.20 16.17 -15.22
N THR E 23 -13.36 15.59 -15.48
CA THR E 23 -13.97 14.66 -14.53
C THR E 23 -13.49 13.24 -14.81
N ILE E 24 -13.88 12.33 -13.90
CA ILE E 24 -13.51 10.93 -14.06
C ILE E 24 -14.23 10.32 -15.26
N GLU E 25 -15.46 10.74 -15.52
CA GLU E 25 -16.16 10.26 -16.71
C GLU E 25 -15.43 10.70 -17.98
N ASN E 26 -14.86 11.91 -17.96
CA ASN E 26 -14.06 12.35 -19.10
C ASN E 26 -12.85 11.45 -19.32
N VAL E 27 -12.20 11.02 -18.23
CA VAL E 27 -11.06 10.14 -18.35
C VAL E 27 -11.47 8.79 -18.93
N LYS E 28 -12.58 8.24 -18.43
CA LYS E 28 -13.10 6.98 -18.97
C LYS E 28 -13.45 7.13 -20.45
N ALA E 29 -13.92 8.31 -20.86
CA ALA E 29 -14.21 8.53 -22.27
C ALA E 29 -12.94 8.58 -23.10
N LYS E 30 -11.88 9.21 -22.57
CA LYS E 30 -10.61 9.24 -23.29
C LYS E 30 -10.04 7.84 -23.46
N ILE E 31 -10.21 6.98 -22.45
CA ILE E 31 -9.78 5.60 -22.58
C ILE E 31 -10.59 4.90 -23.67
N GLN E 32 -11.88 5.20 -23.76
CA GLN E 32 -12.72 4.58 -24.78
C GLN E 32 -12.31 5.03 -26.17
N ASP E 33 -11.93 6.29 -26.33
CA ASP E 33 -11.44 6.78 -27.62
C ASP E 33 -10.13 6.11 -28.02
N LYS E 34 -9.37 5.59 -27.05
CA LYS E 34 -8.07 4.97 -27.30
C LYS E 34 -8.16 3.45 -27.36
N GLU E 35 -8.66 2.83 -26.29
CA GLU E 35 -8.71 1.38 -26.18
C GLU E 35 -10.04 0.77 -26.59
N GLY E 36 -11.04 1.59 -26.91
CA GLY E 36 -12.34 1.07 -27.29
C GLY E 36 -13.07 0.36 -26.19
N ILE E 37 -12.82 0.72 -24.94
CA ILE E 37 -13.38 0.05 -23.78
C ILE E 37 -14.59 0.83 -23.29
N PRO E 38 -15.74 0.20 -23.13
CA PRO E 38 -16.94 0.92 -22.65
C PRO E 38 -16.72 1.49 -21.27
N PRO E 39 -17.14 2.73 -21.04
CA PRO E 39 -16.91 3.36 -19.72
C PRO E 39 -17.56 2.63 -18.56
N ASP E 40 -18.73 2.02 -18.78
CA ASP E 40 -19.39 1.28 -17.71
C ASP E 40 -18.55 0.09 -17.26
N GLN E 41 -17.74 -0.47 -18.16
CA GLN E 41 -16.83 -1.54 -17.80
C GLN E 41 -15.58 -1.04 -17.09
N GLN E 42 -15.37 0.27 -17.02
CA GLN E 42 -14.15 0.82 -16.47
C GLN E 42 -14.33 1.23 -15.01
N ARG E 43 -13.34 0.88 -14.19
CA ARG E 43 -13.25 1.33 -12.81
C ARG E 43 -11.88 1.95 -12.61
N LEU E 44 -11.85 3.19 -12.12
CA LEU E 44 -10.61 3.92 -11.92
C LEU E 44 -10.31 4.03 -10.43
N ILE E 45 -9.04 3.85 -10.08
CA ILE E 45 -8.58 3.86 -8.70
C ILE E 45 -7.34 4.74 -8.59
N PHE E 46 -7.32 5.62 -7.59
CA PHE E 46 -6.16 6.44 -7.29
C PHE E 46 -5.96 6.51 -5.78
N ALA E 47 -4.72 6.31 -5.33
CA ALA E 47 -4.38 6.33 -3.91
C ALA E 47 -5.23 5.34 -3.11
N GLY E 48 -5.58 4.22 -3.72
CA GLY E 48 -6.35 3.20 -3.03
C GLY E 48 -7.84 3.46 -2.92
N LYS E 49 -8.37 4.39 -3.71
CA LYS E 49 -9.78 4.74 -3.65
C LYS E 49 -10.35 4.78 -5.05
N GLN E 50 -11.52 4.18 -5.24
CA GLN E 50 -12.19 4.20 -6.53
C GLN E 50 -12.86 5.56 -6.74
N LEU E 51 -12.58 6.17 -7.89
CA LEU E 51 -13.04 7.53 -8.14
C LEU E 51 -14.49 7.54 -8.62
N GLU E 52 -15.26 8.50 -8.12
CA GLU E 52 -16.62 8.71 -8.59
C GLU E 52 -16.59 9.42 -9.94
N ASP E 53 -17.50 9.01 -10.83
CA ASP E 53 -17.56 9.61 -12.16
C ASP E 53 -17.83 11.11 -12.11
N GLY E 54 -18.47 11.60 -11.05
CA GLY E 54 -18.89 12.98 -10.96
C GLY E 54 -17.89 13.97 -10.40
N ARG E 55 -16.70 13.52 -10.01
CA ARG E 55 -15.68 14.41 -9.46
C ARG E 55 -14.53 14.58 -10.45
N THR E 56 -13.71 15.58 -10.18
CA THR E 56 -12.65 15.97 -11.11
C THR E 56 -11.28 15.52 -10.60
N LEU E 57 -10.27 15.74 -11.44
CA LEU E 57 -8.90 15.39 -11.07
C LEU E 57 -8.36 16.32 -9.99
N SER E 58 -8.84 17.57 -9.95
CA SER E 58 -8.40 18.50 -8.92
C SER E 58 -8.87 18.04 -7.54
N ASP E 59 -10.07 17.48 -7.46
CA ASP E 59 -10.61 17.05 -6.17
C ASP E 59 -9.83 15.87 -5.61
N TYR E 60 -9.40 14.95 -6.47
CA TYR E 60 -8.65 13.77 -6.03
C TYR E 60 -7.15 14.00 -6.01
N ASN E 61 -6.69 15.22 -6.30
CA ASN E 61 -5.27 15.57 -6.28
C ASN E 61 -4.47 14.69 -7.24
N ILE E 62 -5.06 14.41 -8.40
CA ILE E 62 -4.39 13.65 -9.46
C ILE E 62 -3.47 14.64 -10.18
N GLN E 63 -2.20 14.65 -9.81
CA GLN E 63 -1.25 15.62 -10.33
C GLN E 63 -0.59 15.08 -11.60
N LYS E 64 0.38 15.82 -12.12
CA LYS E 64 1.13 15.37 -13.28
C LYS E 64 1.93 14.12 -12.93
N GLU E 65 2.04 13.21 -13.91
CA GLU E 65 2.73 11.94 -13.76
C GLU E 65 2.08 11.03 -12.70
N SER E 66 0.85 11.35 -12.30
CA SER E 66 0.11 10.45 -11.43
C SER E 66 -0.31 9.20 -12.20
N THR E 67 -0.45 8.09 -11.47
CA THR E 67 -0.76 6.81 -12.08
C THR E 67 -2.11 6.34 -11.58
N LEU E 68 -3.03 6.10 -12.51
CA LEU E 68 -4.32 5.51 -12.21
C LEU E 68 -4.30 4.02 -12.53
N HIS E 69 -5.03 3.24 -11.74
CA HIS E 69 -5.15 1.81 -11.92
C HIS E 69 -6.52 1.50 -12.50
N LEU E 70 -6.54 0.77 -13.61
CA LEU E 70 -7.78 0.49 -14.35
C LEU E 70 -8.20 -0.95 -14.10
N VAL E 71 -9.34 -1.12 -13.43
CA VAL E 71 -9.92 -2.43 -13.17
C VAL E 71 -11.20 -2.55 -13.99
N LEU E 72 -11.36 -3.66 -14.70
CA LEU E 72 -12.46 -3.83 -15.63
C LEU E 72 -13.48 -4.84 -15.11
N ARG E 73 -14.75 -4.51 -15.28
CA ARG E 73 -15.84 -5.45 -15.00
C ARG E 73 -15.95 -6.38 -16.20
N LEU E 74 -15.35 -7.56 -16.09
CA LEU E 74 -15.20 -8.46 -17.23
C LEU E 74 -16.51 -9.14 -17.59
N ARG E 75 -16.72 -9.32 -18.89
CA ARG E 75 -17.84 -10.10 -19.41
C ARG E 75 -17.42 -11.56 -19.54
N GLY E 76 -18.29 -12.47 -19.09
CA GLY E 76 -17.98 -13.88 -19.15
C GLY E 76 -19.23 -14.72 -19.21
N CYS E 77 -19.07 -15.95 -19.69
CA CYS E 77 -20.19 -16.89 -19.81
C CYS E 77 -20.03 -18.08 -18.88
N MET F 2 -32.93 2.12 19.62
CA MET F 2 -31.52 1.96 19.30
C MET F 2 -31.30 2.18 17.80
N GLN F 3 -30.05 2.44 17.41
CA GLN F 3 -29.71 2.71 16.02
C GLN F 3 -28.34 2.11 15.72
N ILE F 4 -28.24 1.44 14.56
CA ILE F 4 -27.00 0.87 14.07
C ILE F 4 -26.88 1.19 12.58
N PHE F 5 -25.73 0.84 12.00
CA PHE F 5 -25.44 1.08 10.60
C PHE F 5 -24.96 -0.21 9.95
N VAL F 6 -25.15 -0.30 8.64
CA VAL F 6 -24.75 -1.46 7.85
C VAL F 6 -23.99 -0.98 6.63
N LYS F 7 -22.72 -1.36 6.53
CA LYS F 7 -21.87 -1.00 5.39
C LYS F 7 -21.72 -2.20 4.47
N THR F 8 -22.05 -2.00 3.20
CA THR F 8 -21.88 -3.04 2.20
C THR F 8 -20.49 -2.99 1.59
N LEU F 9 -20.14 -4.03 0.84
CA LEU F 9 -18.88 -4.03 0.10
C LEU F 9 -19.00 -3.32 -1.23
N THR F 10 -20.19 -2.85 -1.60
CA THR F 10 -20.38 -1.99 -2.76
C THR F 10 -20.24 -0.51 -2.41
N GLY F 11 -19.65 -0.19 -1.26
CA GLY F 11 -19.50 1.19 -0.85
C GLY F 11 -20.77 1.88 -0.41
N LYS F 12 -21.84 1.13 -0.13
CA LYS F 12 -23.09 1.69 0.32
C LYS F 12 -23.19 1.60 1.83
N THR F 13 -23.95 2.53 2.42
CA THR F 13 -24.16 2.60 3.86
C THR F 13 -25.65 2.57 4.16
N ILE F 14 -26.06 1.69 5.07
CA ILE F 14 -27.47 1.49 5.41
C ILE F 14 -27.68 1.97 6.84
N THR F 15 -28.75 2.72 7.05
CA THR F 15 -29.15 3.19 8.37
C THR F 15 -30.37 2.41 8.84
N LEU F 16 -30.28 1.82 10.03
CA LEU F 16 -31.34 0.97 10.56
C LEU F 16 -31.68 1.39 11.98
N GLU F 17 -32.94 1.16 12.36
CA GLU F 17 -33.44 1.39 13.70
C GLU F 17 -33.87 0.05 14.28
N VAL F 18 -33.18 -0.39 15.33
CA VAL F 18 -33.32 -1.75 15.85
C VAL F 18 -33.66 -1.70 17.34
N GLU F 19 -34.19 -2.81 17.84
CA GLU F 19 -34.37 -3.13 19.25
C GLU F 19 -33.20 -3.96 19.75
N PRO F 20 -32.82 -3.82 21.01
CA PRO F 20 -31.62 -4.53 21.51
C PRO F 20 -31.68 -6.04 21.39
N SER F 21 -32.86 -6.64 21.20
CA SER F 21 -33.00 -8.09 21.24
C SER F 21 -33.28 -8.71 19.88
N ASP F 22 -33.24 -7.92 18.79
CA ASP F 22 -33.54 -8.46 17.48
C ASP F 22 -32.50 -9.49 17.05
N THR F 23 -32.96 -10.47 16.28
CA THR F 23 -32.08 -11.52 15.79
C THR F 23 -31.32 -11.05 14.55
N ILE F 24 -30.26 -11.79 14.22
CA ILE F 24 -29.55 -11.51 12.97
C ILE F 24 -30.44 -11.81 11.78
N GLU F 25 -31.36 -12.77 11.90
CA GLU F 25 -32.34 -12.99 10.85
C GLU F 25 -33.30 -11.82 10.75
N ASN F 26 -33.54 -11.11 11.85
CA ASN F 26 -34.38 -9.92 11.80
C ASN F 26 -33.66 -8.75 11.14
N VAL F 27 -32.37 -8.57 11.45
CA VAL F 27 -31.61 -7.49 10.83
C VAL F 27 -31.49 -7.71 9.34
N LYS F 28 -31.23 -8.96 8.92
CA LYS F 28 -31.17 -9.27 7.50
C LYS F 28 -32.53 -9.06 6.84
N ALA F 29 -33.62 -9.26 7.59
CA ALA F 29 -34.95 -8.98 7.06
C ALA F 29 -35.22 -7.48 6.97
N LYS F 30 -34.64 -6.70 7.90
CA LYS F 30 -34.79 -5.25 7.82
C LYS F 30 -33.98 -4.68 6.65
N ILE F 31 -32.82 -5.28 6.36
CA ILE F 31 -32.04 -4.86 5.19
C ILE F 31 -32.77 -5.23 3.90
N GLN F 32 -33.47 -6.37 3.90
CA GLN F 32 -34.18 -6.80 2.71
C GLN F 32 -35.25 -5.81 2.30
N ASP F 33 -36.03 -5.32 3.28
CA ASP F 33 -37.13 -4.41 2.98
C ASP F 33 -36.63 -3.07 2.44
N LYS F 34 -35.38 -2.72 2.70
CA LYS F 34 -34.83 -1.44 2.26
C LYS F 34 -33.91 -1.57 1.04
N GLU F 35 -33.32 -2.74 0.82
CA GLU F 35 -32.40 -2.96 -0.29
C GLU F 35 -32.84 -4.04 -1.26
N GLY F 36 -33.72 -4.95 -0.86
CA GLY F 36 -34.16 -6.02 -1.75
C GLY F 36 -33.23 -7.20 -1.81
N ILE F 37 -32.53 -7.50 -0.73
CA ILE F 37 -31.53 -8.57 -0.70
C ILE F 37 -32.07 -9.69 0.19
N PRO F 38 -32.20 -10.91 -0.32
CA PRO F 38 -32.74 -12.01 0.50
C PRO F 38 -31.90 -12.26 1.74
N PRO F 39 -32.54 -12.57 2.88
CA PRO F 39 -31.77 -12.72 4.13
C PRO F 39 -30.75 -13.84 4.09
N ASP F 40 -31.03 -14.93 3.38
CA ASP F 40 -30.09 -16.04 3.31
C ASP F 40 -28.83 -15.67 2.54
N GLN F 41 -28.92 -14.72 1.62
CA GLN F 41 -27.74 -14.26 0.89
C GLN F 41 -26.88 -13.32 1.72
N GLN F 42 -27.41 -12.81 2.83
CA GLN F 42 -26.72 -11.79 3.61
C GLN F 42 -25.83 -12.43 4.67
N ARG F 43 -24.68 -11.79 4.91
CA ARG F 43 -23.76 -12.18 5.97
C ARG F 43 -23.33 -10.90 6.68
N LEU F 44 -23.58 -10.84 7.99
CA LEU F 44 -23.24 -9.66 8.78
C LEU F 44 -21.98 -9.91 9.60
N ILE F 45 -21.04 -8.97 9.51
CA ILE F 45 -19.76 -9.06 10.22
C ILE F 45 -19.61 -7.82 11.09
N PHE F 46 -19.21 -8.02 12.34
CA PHE F 46 -18.91 -6.92 13.25
C PHE F 46 -17.60 -7.19 13.95
N ALA F 47 -16.65 -6.27 13.82
CA ALA F 47 -15.36 -6.32 14.51
C ALA F 47 -14.61 -7.62 14.21
N GLY F 48 -14.77 -8.14 12.99
CA GLY F 48 -14.10 -9.36 12.59
C GLY F 48 -14.79 -10.65 13.01
N LYS F 49 -15.98 -10.56 13.61
CA LYS F 49 -16.72 -11.75 14.05
C LYS F 49 -18.01 -11.84 13.25
N GLN F 50 -18.33 -13.04 12.77
CA GLN F 50 -19.53 -13.26 11.98
C GLN F 50 -20.73 -13.45 12.91
N LEU F 51 -21.76 -12.65 12.69
CA LEU F 51 -22.96 -12.68 13.53
C LEU F 51 -23.81 -13.88 13.11
N GLU F 52 -23.94 -14.86 14.01
CA GLU F 52 -24.72 -16.05 13.72
C GLU F 52 -26.21 -15.77 13.89
N ASP F 53 -27.02 -16.41 13.04
CA ASP F 53 -28.43 -16.04 12.91
C ASP F 53 -29.22 -16.32 14.18
N GLY F 54 -28.89 -17.41 14.88
CA GLY F 54 -29.65 -17.82 16.05
C GLY F 54 -29.46 -16.94 17.28
N ARG F 55 -28.60 -15.94 17.23
CA ARG F 55 -28.29 -15.10 18.37
C ARG F 55 -28.90 -13.71 18.19
N THR F 56 -28.82 -12.91 19.25
CA THR F 56 -29.38 -11.57 19.29
C THR F 56 -28.27 -10.54 19.37
N LEU F 57 -28.64 -9.27 19.21
CA LEU F 57 -27.69 -8.19 19.38
C LEU F 57 -27.29 -8.01 20.83
N SER F 58 -28.21 -8.30 21.76
CA SER F 58 -27.87 -8.25 23.19
C SER F 58 -26.85 -9.31 23.55
N ASP F 59 -26.84 -10.44 22.82
CA ASP F 59 -25.86 -11.48 23.07
C ASP F 59 -24.46 -11.01 22.70
N TYR F 60 -24.32 -10.29 21.59
CA TYR F 60 -23.04 -9.74 21.16
C TYR F 60 -22.76 -8.36 21.73
N ASN F 61 -23.65 -7.83 22.56
CA ASN F 61 -23.51 -6.49 23.14
C ASN F 61 -23.33 -5.44 22.05
N ILE F 62 -24.13 -5.55 20.99
CA ILE F 62 -24.08 -4.57 19.90
C ILE F 62 -24.74 -3.28 20.41
N GLN F 63 -23.95 -2.22 20.54
CA GLN F 63 -24.39 -0.99 21.16
C GLN F 63 -24.88 0.00 20.12
N LYS F 64 -25.24 1.20 20.58
CA LYS F 64 -25.82 2.20 19.70
C LYS F 64 -24.78 2.72 18.72
N GLU F 65 -25.22 2.97 17.49
CA GLU F 65 -24.39 3.53 16.42
C GLU F 65 -23.19 2.62 16.10
N SER F 66 -23.36 1.32 16.27
CA SER F 66 -22.35 0.36 15.83
C SER F 66 -22.51 0.11 14.33
N THR F 67 -21.39 -0.23 13.68
CA THR F 67 -21.35 -0.39 12.23
C THR F 67 -21.17 -1.86 11.88
N LEU F 68 -22.20 -2.44 11.25
CA LEU F 68 -22.14 -3.80 10.75
C LEU F 68 -21.68 -3.80 9.29
N HIS F 69 -21.01 -4.88 8.89
CA HIS F 69 -20.48 -5.01 7.54
C HIS F 69 -21.18 -6.18 6.85
N LEU F 70 -21.72 -5.91 5.67
CA LEU F 70 -22.55 -6.86 4.94
C LEU F 70 -21.74 -7.54 3.84
N VAL F 71 -21.81 -8.87 3.79
CA VAL F 71 -21.20 -9.66 2.73
C VAL F 71 -22.30 -10.51 2.09
N LEU F 72 -22.30 -10.59 0.78
CA LEU F 72 -23.38 -11.23 0.02
C LEU F 72 -22.90 -12.53 -0.62
N ARG F 73 -23.63 -13.61 -0.34
CA ARG F 73 -23.39 -14.90 -0.99
C ARG F 73 -24.33 -15.03 -2.18
N LEU F 74 -23.77 -15.24 -3.37
CA LEU F 74 -24.59 -15.33 -4.57
C LEU F 74 -25.47 -16.57 -4.54
N ARG F 75 -26.70 -16.43 -5.04
CA ARG F 75 -27.64 -17.55 -5.14
C ARG F 75 -27.36 -18.31 -6.43
N GLY F 76 -26.20 -18.95 -6.47
CA GLY F 76 -25.75 -19.68 -7.63
C GLY F 76 -24.53 -19.04 -8.26
N CYS F 77 -24.17 -19.56 -9.43
CA CYS F 77 -22.93 -19.15 -10.09
C CYS F 77 -22.93 -19.57 -11.56
N SER G 1 -3.54 -49.51 -4.29
CA SER G 1 -3.20 -48.47 -3.32
C SER G 1 -4.43 -47.62 -2.98
N PRO G 2 -4.57 -47.26 -1.72
CA PRO G 2 -5.70 -46.42 -1.30
C PRO G 2 -5.53 -44.98 -1.74
N LYS G 3 -6.64 -44.31 -2.00
CA LYS G 3 -6.60 -42.95 -2.50
C LYS G 3 -7.64 -42.09 -1.79
N CYS G 4 -7.54 -40.78 -2.03
CA CYS G 4 -8.40 -39.81 -1.39
C CYS G 4 -9.80 -39.87 -2.00
N THR G 5 -10.82 -39.71 -1.15
CA THR G 5 -12.20 -39.73 -1.63
C THR G 5 -12.53 -38.46 -2.40
N GLU G 6 -11.79 -37.38 -2.20
CA GLU G 6 -12.12 -36.08 -2.77
C GLU G 6 -11.42 -35.83 -4.10
N CYS G 7 -10.11 -36.08 -4.16
CA CYS G 7 -9.32 -35.75 -5.34
C CYS G 7 -8.74 -36.97 -6.05
N LEU G 8 -9.13 -38.18 -5.63
CA LEU G 8 -8.73 -39.42 -6.30
C LEU G 8 -7.21 -39.56 -6.43
N GLN G 9 -6.48 -39.06 -5.44
CA GLN G 9 -5.02 -39.11 -5.44
C GLN G 9 -4.54 -40.11 -4.40
N TYR G 10 -3.55 -40.92 -4.77
CA TYR G 10 -3.04 -41.95 -3.88
C TYR G 10 -2.39 -41.32 -2.65
N LEU G 11 -2.89 -41.69 -1.47
CA LEU G 11 -2.41 -41.10 -0.22
C LEU G 11 -0.96 -41.48 0.08
N ASP G 12 -0.46 -42.56 -0.50
CA ASP G 12 0.90 -43.00 -0.26
C ASP G 12 1.91 -42.46 -1.28
N ASP G 13 1.45 -41.64 -2.22
CA ASP G 13 2.32 -41.17 -3.29
C ASP G 13 3.29 -40.12 -2.76
N PRO G 14 4.59 -40.28 -2.95
CA PRO G 14 5.52 -39.17 -2.68
C PRO G 14 5.25 -38.01 -3.62
N GLU G 15 5.91 -36.88 -3.34
CA GLU G 15 5.63 -35.62 -4.03
C GLU G 15 4.17 -35.21 -3.84
N LEU G 16 3.57 -35.61 -2.72
CA LEU G 16 2.25 -35.19 -2.32
C LEU G 16 2.38 -34.25 -1.14
N ARG G 17 1.96 -33.00 -1.33
CA ARG G 17 2.12 -31.97 -0.32
C ARG G 17 0.80 -31.71 0.40
N TYR G 18 0.88 -31.53 1.71
CA TYR G 18 -0.28 -31.19 2.52
C TYR G 18 -0.32 -29.69 2.77
N GLU G 19 -1.52 -29.14 2.82
CA GLU G 19 -1.70 -27.71 2.97
C GLU G 19 -1.42 -27.29 4.41
N GLN G 20 -0.69 -26.18 4.57
CA GLN G 20 -0.38 -25.63 5.88
C GLN G 20 -0.68 -24.13 5.86
N HIS G 21 -1.39 -23.66 6.89
CA HIS G 21 -1.84 -22.29 6.99
C HIS G 21 -1.06 -21.53 8.06
N PRO G 22 -0.88 -20.21 7.90
CA PRO G 22 -0.30 -19.40 8.96
C PRO G 22 -1.29 -19.22 10.10
N PRO G 23 -0.82 -18.94 11.32
CA PRO G 23 -1.76 -18.62 12.40
C PRO G 23 -2.59 -17.37 12.12
N ASP G 24 -2.12 -16.48 11.24
CA ASP G 24 -2.87 -15.28 10.89
C ASP G 24 -4.06 -15.59 9.99
N ALA G 25 -4.09 -16.78 9.38
CA ALA G 25 -5.10 -17.08 8.36
C ALA G 25 -6.51 -17.03 8.94
N VAL G 26 -7.42 -16.41 8.20
CA VAL G 26 -8.82 -16.30 8.57
C VAL G 26 -9.69 -16.66 7.38
N GLU G 27 -10.97 -16.92 7.65
CA GLU G 27 -11.90 -17.43 6.65
C GLU G 27 -12.23 -16.33 5.62
N GLU G 28 -13.01 -16.71 4.61
CA GLU G 28 -13.19 -15.85 3.45
C GLU G 28 -14.08 -14.64 3.76
N ILE G 29 -15.25 -14.88 4.36
CA ILE G 29 -16.14 -13.77 4.72
C ILE G 29 -15.42 -12.79 5.63
N GLN G 30 -14.58 -13.31 6.53
CA GLN G 30 -13.83 -12.47 7.45
C GLN G 30 -12.95 -11.47 6.73
N ILE G 31 -12.28 -11.91 5.65
CA ILE G 31 -11.30 -11.07 4.98
C ILE G 31 -11.98 -9.94 4.23
N LEU G 32 -13.04 -10.26 3.47
CA LEU G 32 -13.73 -9.26 2.67
C LEU G 32 -14.20 -8.07 3.49
N THR G 33 -14.21 -8.18 4.82
CA THR G 33 -14.51 -7.06 5.71
C THR G 33 -13.27 -6.44 6.31
N ASN G 34 -12.08 -6.95 6.00
CA ASN G 34 -10.85 -6.33 6.48
C ASN G 34 -10.65 -4.98 5.80
N GLU G 35 -10.38 -3.95 6.60
CA GLU G 35 -10.40 -2.58 6.08
C GLU G 35 -9.31 -2.35 5.04
N ARG G 36 -8.22 -3.12 5.09
CA ARG G 36 -7.13 -2.92 4.13
C ARG G 36 -7.56 -3.28 2.71
N LEU G 37 -8.52 -4.19 2.56
CA LEU G 37 -9.03 -4.54 1.24
C LEU G 37 -10.16 -3.62 0.78
N SER G 38 -10.69 -2.78 1.67
CA SER G 38 -11.71 -1.82 1.27
C SER G 38 -11.12 -0.78 0.33
N ILE G 39 -11.98 -0.19 -0.49
CA ILE G 39 -11.53 0.78 -1.50
C ILE G 39 -12.44 1.99 -1.56
N PHE G 40 -13.51 2.00 -0.76
CA PHE G 40 -14.55 3.01 -0.89
C PHE G 40 -14.59 3.95 0.31
N ASP G 41 -14.84 5.22 0.03
CA ASP G 41 -15.32 6.19 1.01
C ASP G 41 -16.84 6.19 0.88
N ALA G 42 -17.51 5.43 1.75
CA ALA G 42 -18.89 5.00 1.56
C ALA G 42 -19.82 6.14 1.16
N ASN G 43 -20.45 5.99 0.01
CA ASN G 43 -21.43 6.95 -0.50
C ASN G 43 -22.83 6.34 -0.40
N GLU G 44 -23.80 7.20 -0.04
CA GLU G 44 -25.16 6.74 0.21
C GLU G 44 -25.76 6.05 -1.02
N SER G 45 -25.57 6.63 -2.20
CA SER G 45 -26.11 6.03 -3.41
C SER G 45 -25.46 4.70 -3.73
N GLY G 46 -24.18 4.55 -3.40
CA GLY G 46 -23.45 3.34 -3.74
C GLY G 46 -22.70 3.47 -5.05
N PHE G 47 -21.47 2.97 -5.08
CA PHE G 47 -20.66 3.09 -6.30
C PHE G 47 -21.14 2.12 -7.38
N GLU G 48 -21.55 0.92 -6.99
CA GLU G 48 -21.84 -0.12 -7.98
C GLU G 48 -23.01 -0.97 -7.49
N SER G 49 -23.58 -1.72 -8.44
CA SER G 49 -24.71 -2.58 -8.14
C SER G 49 -24.30 -3.74 -7.23
N TYR G 50 -25.26 -4.25 -6.47
CA TYR G 50 -25.01 -5.38 -5.59
C TYR G 50 -24.75 -6.66 -6.38
N GLU G 51 -25.14 -6.71 -7.65
CA GLU G 51 -24.87 -7.88 -8.47
C GLU G 51 -23.39 -8.03 -8.79
N ASP G 52 -22.62 -6.96 -8.70
CA ASP G 52 -21.20 -6.99 -9.03
C ASP G 52 -20.39 -7.42 -7.81
N LEU G 53 -19.66 -8.51 -7.94
CA LEU G 53 -18.92 -9.08 -6.83
C LEU G 53 -17.68 -8.22 -6.52
N PRO G 54 -17.21 -8.26 -5.27
CA PRO G 54 -15.95 -7.58 -4.96
C PRO G 54 -14.75 -8.35 -5.52
N GLN G 55 -13.73 -7.59 -5.92
CA GLN G 55 -12.58 -8.15 -6.63
C GLN G 55 -11.30 -7.72 -5.93
N HIS G 56 -10.47 -8.70 -5.57
CA HIS G 56 -9.19 -8.47 -4.92
C HIS G 56 -8.11 -9.30 -5.61
N LYS G 57 -6.88 -9.16 -5.13
CA LYS G 57 -5.75 -9.94 -5.61
C LYS G 57 -5.31 -10.93 -4.55
N LEU G 58 -4.70 -12.03 -4.98
CA LEU G 58 -4.27 -13.10 -4.07
C LEU G 58 -2.91 -13.61 -4.50
N THR G 59 -1.89 -13.35 -3.69
CA THR G 59 -0.53 -13.83 -3.95
C THR G 59 -0.17 -14.94 -2.97
N CYS G 60 0.93 -15.63 -3.29
CA CYS G 60 1.42 -16.76 -2.48
C CYS G 60 0.31 -17.81 -2.31
N PHE G 61 -0.41 -18.07 -3.39
CA PHE G 61 -1.62 -18.88 -3.30
C PHE G 61 -1.31 -20.37 -3.36
N SER G 62 -2.21 -21.15 -2.77
CA SER G 62 -2.15 -22.61 -2.82
C SER G 62 -3.56 -23.15 -2.98
N VAL G 63 -3.67 -24.26 -3.71
CA VAL G 63 -4.96 -24.86 -4.04
C VAL G 63 -4.98 -26.28 -3.47
N TYR G 64 -6.05 -26.60 -2.73
CA TYR G 64 -6.09 -27.87 -2.01
C TYR G 64 -7.53 -28.37 -1.92
N CYS G 65 -7.66 -29.68 -1.76
CA CYS G 65 -8.97 -30.30 -1.57
C CYS G 65 -9.43 -30.09 -0.13
N LYS G 66 -10.58 -30.65 0.21
CA LYS G 66 -11.10 -30.49 1.56
C LYS G 66 -10.26 -31.21 2.59
N ARG G 67 -9.56 -32.28 2.18
CA ARG G 67 -8.75 -33.07 3.08
C ARG G 67 -7.29 -32.62 3.12
N GLY G 68 -6.98 -31.45 2.57
CA GLY G 68 -5.67 -30.83 2.74
C GLY G 68 -4.64 -31.17 1.68
N HIS G 69 -5.01 -31.96 0.67
CA HIS G 69 -4.06 -32.32 -0.38
C HIS G 69 -4.00 -31.23 -1.43
N LEU G 70 -2.80 -30.82 -1.81
CA LEU G 70 -2.64 -29.84 -2.87
C LEU G 70 -3.07 -30.43 -4.21
N CYS G 71 -3.90 -29.70 -4.94
CA CYS G 71 -4.51 -30.23 -6.14
C CYS G 71 -4.30 -29.31 -7.33
N PRO G 72 -4.12 -29.87 -8.52
CA PRO G 72 -4.16 -29.05 -9.73
C PRO G 72 -5.59 -28.75 -10.14
N ILE G 73 -5.74 -27.68 -10.92
CA ILE G 73 -7.05 -27.27 -11.41
C ILE G 73 -7.26 -27.60 -12.89
N ASP G 74 -6.20 -27.89 -13.63
CA ASP G 74 -6.33 -28.36 -15.00
C ASP G 74 -6.64 -29.85 -15.09
N THR G 75 -6.61 -30.56 -13.95
CA THR G 75 -6.91 -31.99 -13.94
C THR G 75 -8.35 -32.26 -14.34
N GLY G 76 -9.26 -31.37 -13.99
CA GLY G 76 -10.67 -31.61 -14.17
C GLY G 76 -11.42 -31.96 -12.90
N LEU G 77 -10.85 -31.66 -11.73
CA LEU G 77 -11.55 -31.91 -10.48
C LEU G 77 -12.68 -30.92 -10.24
N ILE G 78 -12.67 -29.78 -10.94
CA ILE G 78 -13.77 -28.83 -10.81
C ILE G 78 -15.01 -29.38 -11.51
N GLU G 79 -14.84 -29.93 -12.72
CA GLU G 79 -15.96 -30.47 -13.47
C GLU G 79 -16.55 -31.71 -12.80
N LYS G 80 -15.75 -32.46 -12.06
CA LYS G 80 -16.25 -33.56 -11.24
C LYS G 80 -17.03 -33.08 -10.03
N ASP G 81 -17.20 -31.77 -9.87
CA ASP G 81 -17.94 -31.15 -8.77
C ASP G 81 -17.26 -31.36 -7.43
N VAL G 82 -15.95 -31.56 -7.43
CA VAL G 82 -15.18 -31.62 -6.19
C VAL G 82 -14.97 -30.20 -5.68
N GLU G 83 -15.28 -29.98 -4.41
CA GLU G 83 -15.13 -28.66 -3.81
C GLU G 83 -13.66 -28.43 -3.51
N LEU G 84 -12.99 -27.67 -4.37
CA LEU G 84 -11.58 -27.35 -4.20
C LEU G 84 -11.44 -25.97 -3.54
N LEU G 85 -10.75 -25.94 -2.41
CA LEU G 85 -10.51 -24.71 -1.66
C LEU G 85 -9.12 -24.17 -1.99
N PHE G 86 -8.93 -22.88 -1.71
CA PHE G 86 -7.63 -22.26 -1.94
C PHE G 86 -7.34 -21.25 -0.85
N SER G 87 -6.08 -20.86 -0.75
CA SER G 87 -5.63 -19.97 0.32
C SER G 87 -4.45 -19.14 -0.16
N GLY G 88 -4.16 -18.10 0.58
CA GLY G 88 -3.08 -17.18 0.24
C GLY G 88 -3.25 -15.87 0.96
N SER G 89 -2.30 -14.97 0.71
CA SER G 89 -2.31 -13.65 1.31
C SER G 89 -2.98 -12.68 0.34
N ALA G 90 -4.21 -12.29 0.65
CA ALA G 90 -4.97 -11.42 -0.23
C ALA G 90 -4.41 -10.00 -0.20
N LYS G 91 -4.58 -9.29 -1.32
CA LYS G 91 -4.10 -7.93 -1.46
C LYS G 91 -5.13 -7.11 -2.22
N PRO G 92 -5.12 -5.78 -2.07
CA PRO G 92 -5.99 -4.94 -2.88
C PRO G 92 -5.68 -5.07 -4.37
N ILE G 93 -6.71 -4.81 -5.19
CA ILE G 93 -6.66 -5.12 -6.60
C ILE G 93 -5.63 -4.29 -7.37
N TYR G 94 -5.16 -3.19 -6.80
CA TYR G 94 -4.29 -2.27 -7.52
C TYR G 94 -2.81 -2.50 -7.25
N GLU G 95 -2.46 -3.56 -6.53
CA GLU G 95 -1.08 -3.80 -6.15
C GLU G 95 -0.40 -4.74 -7.14
N ASP G 96 0.85 -4.45 -7.46
CA ASP G 96 1.65 -5.31 -8.31
C ASP G 96 2.69 -6.11 -7.54
N ASP G 97 2.96 -5.75 -6.30
CA ASP G 97 3.93 -6.47 -5.49
C ASP G 97 3.43 -7.87 -5.18
N PRO G 98 4.09 -8.91 -5.68
CA PRO G 98 3.61 -10.28 -5.41
C PRO G 98 4.22 -10.88 -4.16
N SER G 99 4.75 -10.04 -3.28
CA SER G 99 5.31 -10.56 -2.05
C SER G 99 4.22 -10.73 -1.00
N PRO G 100 4.30 -11.81 -0.20
CA PRO G 100 3.28 -12.01 0.85
C PRO G 100 3.17 -10.84 1.82
N GLU G 101 4.27 -10.13 2.06
CA GLU G 101 4.24 -8.97 2.96
C GLU G 101 3.31 -7.90 2.41
N GLY G 102 2.56 -7.27 3.32
CA GLY G 102 1.56 -6.31 2.93
C GLY G 102 0.21 -6.90 2.58
N GLY G 103 0.08 -8.23 2.63
CA GLY G 103 -1.16 -8.90 2.32
C GLY G 103 -1.67 -9.69 3.51
N ILE G 104 -2.99 -9.76 3.63
CA ILE G 104 -3.64 -10.42 4.75
C ILE G 104 -3.77 -11.91 4.44
N ASN G 105 -3.21 -12.75 5.31
CA ASN G 105 -3.28 -14.19 5.11
C ASN G 105 -4.70 -14.70 5.27
N GLY G 106 -5.09 -15.63 4.42
CA GLY G 106 -6.43 -16.19 4.46
C GLY G 106 -6.43 -17.66 4.10
N LYS G 107 -7.43 -18.36 4.63
CA LYS G 107 -7.52 -19.80 4.47
C LYS G 107 -8.96 -20.18 4.12
N ASN G 108 -9.08 -21.29 3.39
CA ASN G 108 -10.38 -21.89 3.06
C ASN G 108 -11.25 -20.95 2.24
N PHE G 109 -10.65 -20.31 1.25
CA PHE G 109 -11.44 -19.57 0.27
C PHE G 109 -12.30 -20.54 -0.55
N GLY G 110 -13.40 -20.02 -1.08
CA GLY G 110 -14.17 -20.76 -2.04
C GLY G 110 -15.41 -21.43 -1.46
N PRO G 111 -15.73 -22.64 -1.96
CA PRO G 111 -14.97 -23.42 -2.94
C PRO G 111 -14.94 -22.81 -4.35
N ILE G 112 -14.01 -23.25 -5.18
CA ILE G 112 -13.85 -22.70 -6.52
C ILE G 112 -15.06 -23.09 -7.35
N ASN G 113 -15.82 -22.10 -7.80
CA ASN G 113 -16.93 -22.32 -8.71
C ASN G 113 -16.54 -22.18 -10.16
N GLU G 114 -15.47 -21.42 -10.46
CA GLU G 114 -15.07 -21.14 -11.83
C GLU G 114 -13.69 -20.52 -11.82
N TRP G 115 -12.85 -20.90 -12.77
CA TRP G 115 -11.54 -20.27 -12.96
C TRP G 115 -11.39 -19.85 -14.41
N TRP G 116 -10.92 -18.62 -14.62
CA TRP G 116 -10.95 -17.98 -15.93
C TRP G 116 -9.63 -17.29 -16.21
N ILE G 117 -9.39 -17.01 -17.50
CA ILE G 117 -8.18 -16.34 -17.96
C ILE G 117 -8.57 -14.98 -18.51
N ALA G 118 -7.85 -13.94 -18.07
CA ALA G 118 -8.10 -12.58 -18.52
C ALA G 118 -6.77 -11.90 -18.81
N GLY G 119 -6.85 -10.65 -19.26
CA GLY G 119 -5.65 -9.88 -19.51
C GLY G 119 -5.25 -9.82 -20.97
N PHE G 120 -6.22 -9.62 -21.86
CA PHE G 120 -5.95 -9.55 -23.30
C PHE G 120 -5.70 -8.12 -23.76
N ASP G 121 -4.83 -7.41 -23.04
CA ASP G 121 -4.47 -6.04 -23.40
C ASP G 121 -3.26 -5.96 -24.33
N GLY G 122 -2.33 -6.91 -24.20
CA GLY G 122 -1.01 -6.77 -24.73
C GLY G 122 0.04 -6.51 -23.67
N GLY G 123 -0.37 -6.47 -22.40
CA GLY G 123 0.57 -6.33 -21.32
C GLY G 123 1.37 -7.60 -21.11
N GLU G 124 2.38 -7.49 -20.25
CA GLU G 124 3.28 -8.62 -20.01
C GLU G 124 2.56 -9.76 -19.31
N LYS G 125 1.78 -9.45 -18.27
CA LYS G 125 1.19 -10.48 -17.43
C LYS G 125 -0.08 -11.06 -18.04
N ALA G 126 -0.30 -12.35 -17.82
CA ALA G 126 -1.58 -12.99 -18.07
C ALA G 126 -2.29 -13.19 -16.73
N LEU G 127 -3.61 -12.96 -16.73
CA LEU G 127 -4.38 -12.90 -15.50
C LEU G 127 -5.15 -14.19 -15.30
N LEU G 128 -5.01 -14.80 -14.12
CA LEU G 128 -5.79 -15.96 -13.71
C LEU G 128 -6.75 -15.56 -12.60
N GLY G 129 -7.99 -16.00 -12.70
CA GLY G 129 -9.03 -15.57 -11.79
C GLY G 129 -9.82 -16.72 -11.18
N PHE G 130 -10.20 -16.55 -9.92
CA PHE G 130 -11.03 -17.51 -9.20
C PHE G 130 -12.34 -16.84 -8.82
N SER G 131 -13.45 -17.53 -9.06
CA SER G 131 -14.78 -17.02 -8.75
C SER G 131 -15.37 -17.87 -7.63
N THR G 132 -15.70 -17.23 -6.51
CA THR G 132 -16.38 -17.87 -5.41
C THR G 132 -17.80 -17.31 -5.26
N SER G 133 -18.55 -17.88 -4.34
CA SER G 133 -19.89 -17.38 -4.06
C SER G 133 -19.87 -16.03 -3.36
N PHE G 134 -18.71 -15.61 -2.85
CA PHE G 134 -18.57 -14.36 -2.10
C PHE G 134 -17.81 -13.29 -2.85
N ALA G 135 -16.77 -13.64 -3.59
CA ALA G 135 -15.93 -12.64 -4.26
C ALA G 135 -15.16 -13.29 -5.40
N GLU G 136 -14.50 -12.44 -6.19
CA GLU G 136 -13.62 -12.86 -7.28
C GLU G 136 -12.19 -12.51 -6.91
N TYR G 137 -11.25 -13.37 -7.31
CA TYR G 137 -9.86 -13.22 -6.92
C TYR G 137 -8.95 -13.35 -8.13
N ILE G 138 -8.01 -12.43 -8.26
CA ILE G 138 -7.02 -12.43 -9.34
C ILE G 138 -5.69 -12.90 -8.75
N LEU G 139 -5.21 -14.05 -9.20
CA LEU G 139 -4.00 -14.64 -8.62
C LEU G 139 -2.75 -13.95 -9.13
N MET G 140 -1.73 -13.91 -8.28
CA MET G 140 -0.44 -13.32 -8.63
C MET G 140 0.63 -14.40 -8.70
N ASP G 141 1.30 -14.67 -7.58
CA ASP G 141 2.36 -15.66 -7.57
C ASP G 141 1.97 -16.86 -6.72
N PRO G 142 2.31 -18.08 -7.16
CA PRO G 142 1.99 -19.26 -6.36
C PRO G 142 2.92 -19.41 -5.18
N SER G 143 2.41 -20.09 -4.15
CA SER G 143 3.21 -20.37 -2.97
C SER G 143 4.36 -21.31 -3.32
N PRO G 144 5.46 -21.26 -2.58
CA PRO G 144 6.60 -22.15 -2.87
C PRO G 144 6.22 -23.62 -2.87
N GLU G 145 5.21 -24.01 -2.10
CA GLU G 145 4.82 -25.41 -2.00
C GLU G 145 3.93 -25.83 -3.15
N TYR G 146 3.07 -24.93 -3.62
CA TYR G 146 2.17 -25.19 -4.74
C TYR G 146 2.79 -24.83 -6.09
N ALA G 147 3.99 -24.26 -6.09
CA ALA G 147 4.63 -23.86 -7.34
C ALA G 147 4.84 -25.00 -8.32
N PRO G 148 5.29 -26.20 -7.92
CA PRO G 148 5.46 -27.27 -8.92
C PRO G 148 4.16 -27.69 -9.59
N LEU G 149 3.05 -27.71 -8.86
CA LEU G 149 1.76 -28.06 -9.46
C LEU G 149 1.26 -26.99 -10.41
N PHE G 150 1.68 -25.74 -10.22
CA PHE G 150 1.32 -24.64 -11.10
C PHE G 150 2.29 -24.46 -12.25
N SER G 151 3.43 -25.15 -12.23
CA SER G 151 4.41 -25.05 -13.30
C SER G 151 3.81 -25.48 -14.64
N VAL G 152 3.08 -26.59 -14.65
CA VAL G 152 2.41 -27.05 -15.86
C VAL G 152 1.38 -26.03 -16.33
N MET G 153 0.72 -25.35 -15.38
CA MET G 153 -0.44 -24.53 -15.70
C MET G 153 -0.08 -23.30 -16.53
N GLN G 154 1.10 -22.71 -16.28
CA GLN G 154 1.38 -21.38 -16.80
C GLN G 154 1.50 -21.35 -18.32
N GLU G 155 2.09 -22.39 -18.91
CA GLU G 155 2.20 -22.39 -20.36
C GLU G 155 0.83 -22.50 -21.03
N LYS G 156 -0.11 -23.23 -20.41
CA LYS G 156 -1.47 -23.26 -20.92
C LYS G 156 -2.08 -21.87 -20.97
N ILE G 157 -1.95 -21.12 -19.88
CA ILE G 157 -2.60 -19.81 -19.78
C ILE G 157 -1.93 -18.81 -20.72
N TYR G 158 -0.60 -18.74 -20.68
CA TYR G 158 0.10 -17.69 -21.41
C TYR G 158 0.08 -17.92 -22.91
N ILE G 159 0.12 -19.19 -23.35
CA ILE G 159 0.05 -19.47 -24.77
C ILE G 159 -1.32 -19.12 -25.32
N SER G 160 -2.36 -19.14 -24.47
CA SER G 160 -3.69 -18.75 -24.91
C SER G 160 -3.81 -17.24 -25.03
N LYS G 161 -3.22 -16.50 -24.09
CA LYS G 161 -3.22 -15.04 -24.15
C LYS G 161 -2.55 -14.54 -25.43
N ILE G 162 -1.37 -15.07 -25.74
CA ILE G 162 -0.65 -14.67 -26.95
C ILE G 162 -1.52 -14.91 -28.18
N VAL G 163 -2.21 -16.05 -28.22
CA VAL G 163 -3.05 -16.38 -29.37
C VAL G 163 -4.22 -15.42 -29.47
N VAL G 164 -4.97 -15.26 -28.39
CA VAL G 164 -6.18 -14.42 -28.42
C VAL G 164 -5.80 -12.98 -28.78
N GLU G 165 -4.76 -12.46 -28.15
CA GLU G 165 -4.33 -11.09 -28.43
C GLU G 165 -3.93 -10.92 -29.89
N PHE G 166 -3.18 -11.88 -30.43
CA PHE G 166 -2.72 -11.77 -31.81
C PHE G 166 -3.85 -11.95 -32.80
N LEU G 167 -4.76 -12.91 -32.53
CA LEU G 167 -5.88 -13.14 -33.44
C LEU G 167 -6.83 -11.97 -33.45
N GLN G 168 -7.04 -11.32 -32.30
CA GLN G 168 -7.97 -10.20 -32.24
C GLN G 168 -7.37 -8.97 -32.92
N SER G 169 -6.08 -8.74 -32.76
CA SER G 169 -5.44 -7.60 -33.41
C SER G 169 -5.14 -7.87 -34.88
N ASN G 170 -4.98 -9.15 -35.25
CA ASN G 170 -4.62 -9.54 -36.62
C ASN G 170 -5.53 -10.69 -37.04
N PRO G 171 -6.74 -10.38 -37.53
CA PRO G 171 -7.71 -11.45 -37.84
C PRO G 171 -7.44 -12.18 -39.14
N ASP G 172 -6.61 -11.65 -40.05
CA ASP G 172 -6.38 -12.25 -41.35
C ASP G 172 -4.98 -12.87 -41.45
N SER G 173 -4.43 -13.34 -40.34
CA SER G 173 -3.09 -13.91 -40.31
C SER G 173 -3.15 -15.41 -40.58
N THR G 174 -2.05 -15.93 -41.13
CA THR G 174 -1.94 -17.35 -41.43
C THR G 174 -1.51 -18.12 -40.18
N TYR G 175 -1.32 -19.44 -40.34
CA TYR G 175 -0.87 -20.25 -39.21
C TYR G 175 0.57 -19.93 -38.85
N GLU G 176 1.47 -19.90 -39.84
CA GLU G 176 2.85 -19.55 -39.56
C GLU G 176 3.01 -18.10 -39.12
N ASP G 177 2.02 -17.24 -39.40
CA ASP G 177 2.01 -15.91 -38.82
C ASP G 177 1.85 -15.98 -37.30
N LEU G 178 0.95 -16.84 -36.83
CA LEU G 178 0.73 -17.00 -35.40
C LEU G 178 1.96 -17.61 -34.73
N ILE G 179 2.49 -18.69 -35.30
CA ILE G 179 3.69 -19.31 -34.77
C ILE G 179 4.83 -18.30 -34.70
N ASN G 180 4.92 -17.41 -35.68
CA ASN G 180 5.95 -16.38 -35.67
C ASN G 180 5.80 -15.46 -34.46
N LYS G 181 4.58 -14.99 -34.20
CA LYS G 181 4.36 -14.15 -33.02
C LYS G 181 4.58 -14.94 -31.73
N ILE G 182 4.23 -16.22 -31.73
CA ILE G 182 4.46 -17.05 -30.55
C ILE G 182 5.94 -17.31 -30.36
N GLU G 183 6.64 -17.68 -31.43
CA GLU G 183 8.05 -18.03 -31.34
C GLU G 183 8.89 -16.82 -30.93
N THR G 184 8.52 -15.62 -31.40
CA THR G 184 9.32 -14.43 -31.12
C THR G 184 8.99 -13.82 -29.76
N THR G 185 7.80 -14.07 -29.22
CA THR G 185 7.40 -13.47 -27.96
C THR G 185 8.18 -14.11 -26.81
N VAL G 186 8.87 -13.29 -26.03
CA VAL G 186 9.70 -13.76 -24.92
C VAL G 186 8.80 -14.15 -23.75
N PRO G 187 8.84 -15.41 -23.31
CA PRO G 187 8.00 -15.81 -22.18
C PRO G 187 8.52 -15.23 -20.88
N PRO G 188 7.63 -14.98 -19.91
CA PRO G 188 8.09 -14.52 -18.60
C PRO G 188 9.01 -15.54 -17.94
N CYS G 189 9.94 -15.02 -17.13
CA CYS G 189 10.96 -15.88 -16.52
C CYS G 189 10.36 -16.94 -15.60
N MET G 190 9.14 -16.73 -15.11
CA MET G 190 8.52 -17.70 -14.23
C MET G 190 8.16 -19.00 -14.94
N LEU G 191 8.04 -18.96 -16.27
CA LEU G 191 7.78 -20.17 -17.04
C LEU G 191 9.02 -21.04 -17.19
N ASN G 192 10.20 -20.48 -16.93
CA ASN G 192 11.48 -21.19 -17.09
C ASN G 192 11.62 -21.75 -18.51
N LEU G 193 11.38 -20.90 -19.49
CA LEU G 193 11.52 -21.25 -20.90
C LEU G 193 12.49 -20.28 -21.58
N ASN G 194 13.24 -20.80 -22.53
CA ASN G 194 14.09 -19.94 -23.35
C ASN G 194 13.30 -19.31 -24.49
N ARG G 195 12.23 -19.97 -24.94
CA ARG G 195 11.41 -19.52 -26.05
C ARG G 195 10.22 -20.45 -26.20
N PHE G 196 9.36 -20.19 -27.18
CA PHE G 196 8.26 -21.07 -27.52
C PHE G 196 8.55 -21.76 -28.85
N THR G 197 8.02 -22.96 -29.01
CA THR G 197 8.15 -23.73 -30.23
C THR G 197 6.77 -23.97 -30.84
N GLU G 198 6.74 -24.51 -32.06
CA GLU G 198 5.47 -24.90 -32.64
C GLU G 198 4.79 -25.96 -31.80
N ASP G 199 5.56 -26.92 -31.29
CA ASP G 199 4.99 -27.93 -30.40
C ASP G 199 4.52 -27.33 -29.09
N SER G 200 5.10 -26.20 -28.68
CA SER G 200 4.63 -25.52 -27.48
C SER G 200 3.17 -25.12 -27.60
N LEU G 201 2.71 -24.82 -28.82
CA LEU G 201 1.29 -24.59 -29.06
C LEU G 201 0.54 -25.88 -29.34
N LEU G 202 1.19 -26.86 -29.97
CA LEU G 202 0.54 -28.15 -30.21
C LEU G 202 0.39 -28.96 -28.94
N ARG G 203 1.23 -28.72 -27.94
CA ARG G 203 1.04 -29.36 -26.64
C ARG G 203 -0.34 -29.05 -26.09
N HIS G 204 -0.74 -27.77 -26.11
CA HIS G 204 -1.99 -27.31 -25.53
C HIS G 204 -2.97 -26.83 -26.60
N ALA G 205 -2.91 -27.41 -27.79
CA ALA G 205 -3.81 -26.99 -28.87
C ALA G 205 -5.27 -27.25 -28.49
N GLN G 206 -5.53 -28.36 -27.80
CA GLN G 206 -6.90 -28.65 -27.36
C GLN G 206 -7.41 -27.58 -26.40
N PHE G 207 -6.53 -27.07 -25.54
CA PHE G 207 -6.94 -26.07 -24.56
C PHE G 207 -7.10 -24.69 -25.20
N VAL G 208 -6.20 -24.34 -26.13
CA VAL G 208 -6.23 -23.00 -26.73
C VAL G 208 -7.52 -22.79 -27.51
N VAL G 209 -7.91 -23.78 -28.32
CA VAL G 209 -9.11 -23.66 -29.13
C VAL G 209 -10.33 -23.44 -28.26
N GLU G 210 -10.44 -24.20 -27.16
CA GLU G 210 -11.57 -24.05 -26.26
C GLU G 210 -11.60 -22.67 -25.60
N GLN G 211 -10.43 -22.05 -25.42
CA GLN G 211 -10.39 -20.72 -24.82
C GLN G 211 -10.86 -19.66 -25.81
N VAL G 212 -10.46 -19.77 -27.07
CA VAL G 212 -10.87 -18.80 -28.08
C VAL G 212 -12.39 -18.84 -28.27
N GLU G 213 -12.96 -20.05 -28.27
CA GLU G 213 -14.41 -20.18 -28.37
C GLU G 213 -15.11 -19.44 -27.24
N SER G 214 -14.58 -19.58 -26.01
CA SER G 214 -15.18 -18.88 -24.87
C SER G 214 -15.00 -17.38 -24.97
N TYR G 215 -13.87 -16.92 -25.53
CA TYR G 215 -13.64 -15.49 -25.68
C TYR G 215 -14.62 -14.88 -26.67
N ASP G 216 -14.98 -15.62 -27.72
CA ASP G 216 -15.97 -15.11 -28.67
C ASP G 216 -17.38 -15.21 -28.12
N ARG G 217 -17.66 -16.19 -27.27
CA ARG G 217 -19.01 -16.33 -26.72
C ARG G 217 -19.32 -15.21 -25.74
N ALA G 218 -18.30 -14.62 -25.11
CA ALA G 218 -18.51 -13.51 -24.21
C ALA G 218 -18.58 -12.18 -24.93
N GLY G 219 -18.24 -12.14 -26.22
CA GLY G 219 -18.29 -10.90 -26.96
C GLY G 219 -19.71 -10.46 -27.27
N ASP G 220 -19.87 -9.17 -27.49
CA ASP G 220 -21.18 -8.59 -27.74
C ASP G 220 -21.71 -9.04 -29.11
N SER G 221 -23.00 -8.76 -29.33
CA SER G 221 -23.63 -9.15 -30.59
C SER G 221 -23.08 -8.35 -31.76
N ASP G 222 -22.60 -7.13 -31.51
CA ASP G 222 -22.03 -6.31 -32.57
C ASP G 222 -20.59 -6.69 -32.88
N GLU G 223 -19.91 -7.40 -31.98
CA GLU G 223 -18.51 -7.76 -32.18
C GLU G 223 -18.38 -9.02 -33.01
N GLN G 224 -17.37 -9.03 -33.88
CA GLN G 224 -17.14 -10.15 -34.79
C GLN G 224 -16.25 -11.20 -34.13
N PRO G 225 -16.50 -12.48 -34.41
CA PRO G 225 -15.69 -13.55 -33.80
C PRO G 225 -14.36 -13.75 -34.52
N ILE G 226 -13.41 -14.30 -33.76
CA ILE G 226 -12.10 -14.65 -34.29
C ILE G 226 -11.90 -16.16 -34.35
N PHE G 227 -12.91 -16.94 -33.97
CA PHE G 227 -12.83 -18.40 -34.11
C PHE G 227 -12.92 -18.84 -35.56
N LEU G 228 -13.56 -18.05 -36.41
CA LEU G 228 -13.65 -18.35 -37.84
C LEU G 228 -12.41 -17.91 -38.62
N SER G 229 -11.36 -17.47 -37.92
CA SER G 229 -10.16 -17.03 -38.61
C SER G 229 -9.50 -18.19 -39.34
N PRO G 230 -8.92 -17.95 -40.52
CA PRO G 230 -8.25 -19.05 -41.24
C PRO G 230 -7.12 -19.66 -40.45
N CYS G 231 -6.52 -18.90 -39.54
CA CYS G 231 -5.45 -19.44 -38.70
C CYS G 231 -5.96 -20.56 -37.80
N MET G 232 -7.15 -20.38 -37.23
CA MET G 232 -7.73 -21.40 -36.34
C MET G 232 -8.11 -22.66 -37.12
N ARG G 233 -8.80 -22.49 -38.25
CA ARG G 233 -9.27 -23.64 -39.02
C ARG G 233 -8.12 -24.58 -39.38
N ASP G 234 -6.95 -24.01 -39.67
CA ASP G 234 -5.77 -24.83 -39.89
C ASP G 234 -5.31 -25.49 -38.58
N LEU G 235 -5.16 -24.69 -37.53
CA LEU G 235 -4.64 -25.18 -36.25
C LEU G 235 -5.39 -26.40 -35.75
N ILE G 236 -6.69 -26.50 -36.05
CA ILE G 236 -7.46 -27.67 -35.67
C ILE G 236 -6.96 -28.92 -36.36
N LYS G 237 -6.48 -28.79 -37.60
CA LYS G 237 -6.03 -29.96 -38.36
C LYS G 237 -4.63 -30.40 -37.98
N LEU G 238 -3.77 -29.46 -37.57
CA LEU G 238 -2.37 -29.81 -37.29
C LEU G 238 -2.26 -30.73 -36.09
N ALA G 239 -3.08 -30.50 -35.06
CA ALA G 239 -3.06 -31.33 -33.86
C ALA G 239 -4.25 -32.26 -33.76
N GLY G 240 -5.42 -31.84 -34.24
CA GLY G 240 -6.62 -32.65 -34.14
C GLY G 240 -7.45 -32.29 -32.92
N VAL G 241 -8.40 -31.39 -33.11
CA VAL G 241 -9.21 -30.85 -32.01
C VAL G 241 -10.66 -31.24 -32.24
N THR G 242 -11.31 -31.69 -31.16
CA THR G 242 -12.73 -32.05 -31.12
C THR G 242 -13.63 -31.28 -32.09
N ARG H 2 -11.18 4.51 -33.21
CA ARG H 2 -10.91 3.20 -32.62
C ARG H 2 -12.17 2.35 -32.51
N THR H 3 -12.10 1.12 -33.00
CA THR H 3 -13.22 0.19 -32.95
C THR H 3 -13.45 -0.28 -31.52
N LYS H 4 -14.67 -0.77 -31.27
CA LYS H 4 -15.04 -1.21 -29.94
C LYS H 4 -14.34 -2.51 -29.58
N GLN H 5 -13.92 -2.63 -28.32
CA GLN H 5 -13.26 -3.83 -27.82
C GLN H 5 -13.63 -3.99 -26.35
N THR H 6 -14.53 -4.93 -26.07
CA THR H 6 -15.00 -5.17 -24.72
C THR H 6 -13.96 -5.94 -23.90
N ALA H 7 -14.02 -5.76 -22.59
CA ALA H 7 -13.12 -6.46 -21.68
C ALA H 7 -13.69 -7.83 -21.37
N ARG H 8 -13.04 -8.87 -21.84
CA ARG H 8 -13.59 -10.24 -21.76
C ARG H 8 -12.71 -11.22 -21.00
N SER H 10 -12.02 -15.76 -20.59
CA SER H 10 -12.18 -17.11 -21.12
C SER H 10 -12.35 -18.12 -19.99
N THR H 11 -13.47 -18.83 -19.98
CA THR H 11 -13.75 -19.80 -18.92
C THR H 11 -12.87 -21.03 -19.11
N GLY H 12 -12.00 -21.29 -18.14
CA GLY H 12 -11.13 -22.44 -18.20
C GLY H 12 -11.73 -23.67 -17.54
N GLY H 13 -12.56 -23.47 -16.52
CA GLY H 13 -13.23 -24.56 -15.86
C GLY H 13 -14.43 -24.07 -15.06
N LYS H 14 -15.49 -24.87 -14.99
CA LYS H 14 -16.69 -24.45 -14.31
C LYS H 14 -17.36 -25.66 -13.66
N ALA H 15 -17.83 -25.48 -12.43
CA ALA H 15 -18.46 -26.55 -11.67
C ALA H 15 -19.92 -26.73 -12.10
N PRO H 16 -20.38 -27.97 -12.23
CA PRO H 16 -21.77 -28.19 -12.67
C PRO H 16 -22.82 -27.71 -11.70
N ARG H 17 -22.50 -27.60 -10.41
CA ARG H 17 -23.46 -27.09 -9.43
C ARG H 17 -23.83 -25.64 -9.70
N CYS H 18 -23.11 -24.95 -10.57
CA CYS H 18 -23.37 -23.56 -10.94
C CYS H 18 -24.33 -23.44 -12.12
N GLN H 19 -25.46 -24.12 -12.03
CA GLN H 19 -26.45 -24.05 -13.11
C GLN H 19 -27.01 -22.63 -13.24
N LEU H 20 -27.61 -22.12 -12.17
CA LEU H 20 -28.17 -20.77 -12.17
C LEU H 20 -28.30 -20.23 -10.75
#